data_7MFL
#
_entry.id   7MFL
#
_cell.length_a   91.000
_cell.length_b   91.000
_cell.length_c   252.812
_cell.angle_alpha   90.000
_cell.angle_beta   90.000
_cell.angle_gamma   120.000
#
_symmetry.space_group_name_H-M   'P 61'
#
loop_
_entity.id
_entity.type
_entity.pdbx_description
1 polymer 'Alpha-N-acetylglucosaminidase family protein'
2 non-polymer 1,2-ETHANEDIOL
3 non-polymer 'CALCIUM ION'
4 non-polymer 'SULFATE ION'
5 non-polymer N-[(2R,3S,4R,5R,6R)-4,5-dihydroxy-2,6-bis(hydroxymethyl)piperidin-3-yl]acetamide
6 water water
#
_entity_poly.entity_id   1
_entity_poly.type   'polypeptide(L)'
_entity_poly.pdbx_seq_one_letter_code
;GSHMASSTGVEITEGVTVTAKGNTEGNTADLAIDGDLSTYWESSNDYKWIEVDLGGIYELSKIEIFNKDEAVYKYNIYAS
EDGENFNKIAYKNNDNVSDSNGNMHTIDNVRAGKIRIDVVQNSNSDRVNIAEINVFGKNTGESLPEVKKIATSNFSETPW
ATEYEKFNSDSAYANEKTLNEIKNLVGRVIGREFKDKFIFEIRDQLNGNDVFEVSDSGDGKVLIKGNNGVSLASGFNYYL
KNYCNVSYNPIMGSNLKMPETMPSVGERVVIDTPYEHRYALNFCTYSYTMSFWDWDQYEEFLDWCAMNGVNLVLDIIGQE
EVLRRTLNEFGYSDEEVKEFISGPAYFAWFYMQNMTGFGGPLPNDWFEQRAELGRKMHDRMQSFGINPVLQGYSGMVPRD
FKEKNQEAQTISQGGWCGFDRPDMLKTYVNEGEADYFQKVADVFYEKQKEVFGDVTNFYGVDPFHEGGNTGDLDNGKIYE
IIQNKMIEHDNDAVWVIQNWQGNPSNNKLEGLTKKDQAMVLDLFSEVSPDWNRLEERDLPWIWNMLHNFGGRMGMDAAPE
KLATEIPKALANSEHMVGIGITPEAINTNPLAYELLFDMAWTRDQINFRTWTEDYIERRYGKTNKEILEAWNIILDTAYK
KRNDYYQGAAESIINARPGFGIKSASTWGHSKIVYDKSEFEKAIEIFAKNYDEFKDSDAFLYDFADILKQLLANSAQEYY
EVMCNAYNNGNGEKFKFVSGKFLELIKLQERVLSTRPEFLIGNWIEDARTMLKDSDDWTKDLFEFNARALVTTWGSRNNA
DGGGLKDYSNRQWSGLTEDYYYARWEKWINGLQAELDGGAKAPNIDWFKMEYDWVNKKSDTDKLYPTEASNENLGELAKI
AMESYSVTNMDKILGENES
;
_entity_poly.pdbx_strand_id   A
#
loop_
_chem_comp.id
_chem_comp.type
_chem_comp.name
_chem_comp.formula
CA non-polymer 'CALCIUM ION' 'Ca 2'
EDO non-polymer 1,2-ETHANEDIOL 'C2 H6 O2'
SO4 non-polymer 'SULFATE ION' 'O4 S -2'
Z8V non-polymer N-[(2R,3S,4R,5R,6R)-4,5-dihydroxy-2,6-bis(hydroxymethyl)piperidin-3-yl]acetamide 'C9 H18 N2 O5'
#
# COMPACT_ATOMS: atom_id res chain seq x y z
N GLY A 9 14.68 -15.13 -42.38
CA GLY A 9 14.02 -16.29 -41.81
C GLY A 9 14.93 -17.48 -41.61
N VAL A 10 16.22 -17.24 -41.47
CA VAL A 10 17.18 -18.32 -41.24
C VAL A 10 17.38 -18.49 -39.74
N GLU A 11 17.48 -19.74 -39.30
CA GLU A 11 17.69 -20.04 -37.89
C GLU A 11 19.03 -19.49 -37.44
N ILE A 12 19.04 -18.88 -36.25
CA ILE A 12 20.26 -18.32 -35.67
C ILE A 12 20.94 -19.43 -34.89
N THR A 13 21.98 -20.02 -35.49
CA THR A 13 22.61 -21.22 -34.96
C THR A 13 24.07 -20.99 -34.55
N GLU A 14 24.42 -19.76 -34.22
CA GLU A 14 25.78 -19.46 -33.80
C GLU A 14 25.80 -18.13 -33.07
N GLY A 15 26.57 -18.06 -31.97
CA GLY A 15 26.72 -16.84 -31.21
C GLY A 15 25.60 -16.53 -30.24
N VAL A 16 24.74 -17.50 -29.94
CA VAL A 16 23.60 -17.30 -29.06
C VAL A 16 23.97 -17.73 -27.65
N THR A 17 23.72 -16.87 -26.68
CA THR A 17 23.93 -17.16 -25.26
C THR A 17 22.66 -16.80 -24.48
N VAL A 18 22.61 -17.24 -23.24
CA VAL A 18 21.41 -17.08 -22.42
C VAL A 18 21.81 -16.92 -20.97
N THR A 19 21.03 -16.14 -20.22
CA THR A 19 21.17 -16.01 -18.79
C THR A 19 19.81 -16.25 -18.12
N ALA A 20 19.87 -16.58 -16.83
CA ALA A 20 18.70 -16.68 -16.00
C ALA A 20 19.09 -16.28 -14.58
N LYS A 21 18.09 -15.88 -13.80
CA LYS A 21 18.33 -15.45 -12.44
C LYS A 21 18.09 -16.55 -11.42
N GLY A 22 17.67 -17.73 -11.87
CA GLY A 22 17.48 -18.86 -10.99
C GLY A 22 17.25 -20.14 -11.76
N ASN A 23 17.63 -21.28 -11.19
CA ASN A 23 17.42 -22.56 -11.84
C ASN A 23 17.54 -23.67 -10.80
N THR A 24 16.79 -24.75 -11.01
CA THR A 24 16.97 -25.93 -10.19
C THR A 24 18.26 -26.63 -10.58
N GLU A 25 18.77 -27.46 -9.66
CA GLU A 25 20.10 -28.02 -9.82
C GLU A 25 20.20 -28.85 -11.10
N GLY A 26 21.24 -28.57 -11.89
CA GLY A 26 21.47 -29.29 -13.13
C GLY A 26 20.60 -28.87 -14.29
N ASN A 27 19.66 -27.94 -14.07
CA ASN A 27 18.81 -27.46 -15.14
C ASN A 27 19.10 -26.00 -15.42
N THR A 28 20.33 -25.71 -15.84
CA THR A 28 20.80 -24.34 -15.99
C THR A 28 20.26 -23.72 -17.27
N ALA A 29 20.43 -22.39 -17.36
CA ALA A 29 19.84 -21.63 -18.46
C ALA A 29 20.36 -22.09 -19.81
N ASP A 30 21.66 -22.40 -19.90
CA ASP A 30 22.26 -22.80 -21.16
C ASP A 30 21.60 -24.03 -21.75
N LEU A 31 20.95 -24.85 -20.93
CA LEU A 31 20.25 -26.03 -21.43
C LEU A 31 19.01 -25.69 -22.23
N ALA A 32 18.58 -24.43 -22.23
CA ALA A 32 17.46 -24.02 -23.08
C ALA A 32 17.87 -23.80 -24.53
N ILE A 33 19.18 -23.74 -24.82
CA ILE A 33 19.65 -23.42 -26.17
C ILE A 33 20.76 -24.36 -26.60
N ASP A 34 20.81 -25.56 -26.05
CA ASP A 34 21.86 -26.50 -26.38
C ASP A 34 21.48 -27.46 -27.50
N GLY A 35 20.37 -27.20 -28.19
CA GLY A 35 19.95 -28.03 -29.31
C GLY A 35 19.46 -29.41 -28.93
N ASP A 36 19.21 -29.67 -27.65
CA ASP A 36 18.84 -31.00 -27.15
C ASP A 36 17.48 -30.89 -26.46
N LEU A 37 16.48 -31.57 -27.02
CA LEU A 37 15.14 -31.52 -26.46
C LEU A 37 15.02 -32.28 -25.14
N SER A 38 16.04 -33.06 -24.76
CA SER A 38 16.00 -33.83 -23.52
C SER A 38 16.59 -33.08 -22.34
N THR A 39 17.18 -31.91 -22.56
CA THR A 39 17.69 -31.06 -21.50
C THR A 39 16.89 -29.77 -21.47
N TYR A 40 16.75 -29.19 -20.28
CA TYR A 40 15.89 -28.03 -20.13
C TYR A 40 16.39 -27.14 -19.00
N TRP A 41 16.18 -25.83 -19.18
CA TRP A 41 16.23 -24.91 -18.05
C TRP A 41 14.94 -25.04 -17.26
N GLU A 42 15.03 -24.97 -15.94
CA GLU A 42 13.86 -25.00 -15.08
C GLU A 42 14.02 -23.97 -13.98
N SER A 43 12.97 -23.21 -13.72
CA SER A 43 13.04 -22.16 -12.71
C SER A 43 13.08 -22.76 -11.31
N SER A 44 13.72 -22.05 -10.39
CA SER A 44 13.76 -22.44 -9.00
C SER A 44 13.05 -21.47 -8.07
N ASN A 45 12.79 -20.25 -8.52
CA ASN A 45 12.10 -19.25 -7.70
C ASN A 45 11.13 -18.43 -8.54
N ASP A 46 10.89 -17.19 -8.13
CA ASP A 46 9.88 -16.37 -8.81
C ASP A 46 10.43 -15.65 -10.04
N TYR A 47 11.73 -15.72 -10.31
CA TYR A 47 12.29 -15.28 -11.58
C TYR A 47 12.04 -16.39 -12.58
N LYS A 48 10.94 -16.29 -13.32
CA LYS A 48 10.51 -17.33 -14.25
C LYS A 48 10.79 -16.96 -15.70
N TRP A 49 11.84 -16.18 -15.95
CA TRP A 49 12.17 -15.76 -17.30
C TRP A 49 13.66 -16.00 -17.57
N ILE A 50 13.97 -16.21 -18.86
CA ILE A 50 15.34 -16.29 -19.34
C ILE A 50 15.55 -15.18 -20.36
N GLU A 51 16.81 -14.78 -20.51
CA GLU A 51 17.19 -13.70 -21.41
C GLU A 51 18.21 -14.22 -22.41
N VAL A 52 17.83 -14.25 -23.69
CA VAL A 52 18.66 -14.78 -24.76
C VAL A 52 19.32 -13.61 -25.49
N ASP A 53 20.64 -13.68 -25.64
CA ASP A 53 21.38 -12.74 -26.48
C ASP A 53 21.70 -13.42 -27.80
N LEU A 54 21.39 -12.75 -28.90
CA LEU A 54 21.47 -13.35 -30.23
C LEU A 54 22.84 -13.20 -30.88
N GLY A 55 23.80 -12.55 -30.22
CA GLY A 55 25.07 -12.30 -30.85
C GLY A 55 25.00 -11.29 -31.97
N GLY A 56 24.11 -10.30 -31.85
CA GLY A 56 23.91 -9.32 -32.90
C GLY A 56 22.45 -8.92 -33.00
N ILE A 57 22.14 -7.95 -33.85
CA ILE A 57 20.78 -7.48 -34.06
C ILE A 57 20.22 -8.16 -35.29
N TYR A 58 19.11 -8.87 -35.12
CA TYR A 58 18.43 -9.56 -36.21
C TYR A 58 17.01 -9.03 -36.33
N GLU A 59 16.47 -9.08 -37.54
CA GLU A 59 15.05 -8.83 -37.77
C GLU A 59 14.35 -10.18 -37.66
N LEU A 60 13.69 -10.41 -36.52
CA LEU A 60 13.15 -11.72 -36.22
C LEU A 60 11.91 -12.01 -37.06
N SER A 61 11.83 -13.24 -37.56
CA SER A 61 10.63 -13.71 -38.25
C SER A 61 9.87 -14.79 -37.49
N LYS A 62 10.57 -15.62 -36.73
CA LYS A 62 9.94 -16.72 -36.02
C LYS A 62 10.66 -16.97 -34.70
N ILE A 63 9.91 -17.41 -33.70
CA ILE A 63 10.46 -17.90 -32.45
C ILE A 63 9.76 -19.22 -32.13
N GLU A 64 10.54 -20.26 -31.84
CA GLU A 64 10.03 -21.61 -31.62
C GLU A 64 10.41 -22.05 -30.21
N ILE A 65 9.45 -22.57 -29.47
CA ILE A 65 9.64 -22.89 -28.05
C ILE A 65 9.17 -24.33 -27.81
N PHE A 66 10.04 -25.13 -27.20
CA PHE A 66 9.70 -26.47 -26.74
C PHE A 66 9.76 -26.51 -25.22
N ASN A 67 8.83 -27.24 -24.62
CA ASN A 67 8.85 -27.50 -23.18
C ASN A 67 9.24 -28.97 -22.95
N LYS A 68 9.43 -29.30 -21.68
CA LYS A 68 9.95 -30.61 -21.31
C LYS A 68 8.89 -31.70 -21.28
N ASP A 69 7.61 -31.35 -21.26
CA ASP A 69 6.54 -32.33 -21.15
C ASP A 69 5.34 -31.80 -21.94
N GLU A 70 4.16 -32.33 -21.63
CA GLU A 70 2.94 -32.00 -22.36
C GLU A 70 1.94 -31.24 -21.48
N ALA A 71 2.43 -30.45 -20.54
CA ALA A 71 1.58 -29.57 -19.77
C ALA A 71 1.17 -28.37 -20.60
N VAL A 72 0.24 -27.58 -20.06
CA VAL A 72 -0.20 -26.35 -20.70
C VAL A 72 0.66 -25.21 -20.16
N TYR A 73 1.39 -24.54 -21.05
CA TYR A 73 2.26 -23.44 -20.67
C TYR A 73 1.74 -22.14 -21.24
N LYS A 74 1.92 -21.06 -20.48
CA LYS A 74 1.61 -19.71 -20.92
C LYS A 74 2.84 -18.85 -20.71
N TYR A 75 3.14 -17.98 -21.67
CA TYR A 75 4.36 -17.20 -21.58
C TYR A 75 4.24 -15.94 -22.44
N ASN A 76 5.10 -14.97 -22.14
CA ASN A 76 5.17 -13.70 -22.85
C ASN A 76 6.59 -13.49 -23.33
N ILE A 77 6.73 -12.97 -24.54
CA ILE A 77 8.02 -12.87 -25.24
C ILE A 77 8.30 -11.39 -25.51
N TYR A 78 9.47 -10.93 -25.06
CA TYR A 78 9.87 -9.54 -25.21
C TYR A 78 11.19 -9.46 -25.97
N ALA A 79 11.39 -8.34 -26.67
CA ALA A 79 12.58 -8.14 -27.47
C ALA A 79 13.13 -6.74 -27.26
N SER A 80 14.45 -6.61 -27.40
CA SER A 80 15.12 -5.33 -27.25
C SER A 80 16.13 -5.13 -28.37
N GLU A 81 16.08 -3.96 -29.01
CA GLU A 81 17.06 -3.59 -30.02
C GLU A 81 18.03 -2.51 -29.55
N ASP A 82 17.81 -1.93 -28.37
CA ASP A 82 18.73 -0.94 -27.82
C ASP A 82 19.43 -1.40 -26.55
N GLY A 83 19.08 -2.58 -26.03
CA GLY A 83 19.69 -3.10 -24.83
C GLY A 83 19.01 -2.70 -23.54
N GLU A 84 18.16 -1.67 -23.56
CA GLU A 84 17.47 -1.20 -22.37
C GLU A 84 15.97 -1.47 -22.39
N ASN A 85 15.31 -1.28 -23.53
CA ASN A 85 13.86 -1.36 -23.62
C ASN A 85 13.46 -2.71 -24.20
N PHE A 86 12.75 -3.51 -23.40
CA PHE A 86 12.25 -4.81 -23.81
C PHE A 86 10.74 -4.70 -24.00
N ASN A 87 10.29 -4.79 -25.25
CA ASN A 87 8.89 -4.64 -25.59
C ASN A 87 8.31 -5.98 -26.03
N LYS A 88 7.02 -6.15 -25.76
CA LYS A 88 6.36 -7.43 -26.00
C LYS A 88 6.14 -7.65 -27.50
N ILE A 89 6.56 -8.81 -27.99
CA ILE A 89 6.44 -9.12 -29.41
C ILE A 89 5.60 -10.35 -29.68
N ALA A 90 5.35 -11.21 -28.69
CA ALA A 90 4.55 -12.40 -28.87
C ALA A 90 4.20 -12.96 -27.50
N TYR A 91 3.21 -13.85 -27.48
CA TYR A 91 2.76 -14.46 -26.24
C TYR A 91 1.91 -15.69 -26.57
N LYS A 92 1.84 -16.60 -25.60
CA LYS A 92 0.92 -17.72 -25.66
C LYS A 92 0.07 -17.70 -24.39
N ASN A 93 -1.24 -17.52 -24.55
CA ASN A 93 -2.14 -17.58 -23.41
C ASN A 93 -3.30 -18.56 -23.60
N ASN A 94 -3.34 -19.30 -24.71
CA ASN A 94 -4.39 -20.31 -24.85
C ASN A 94 -4.07 -21.52 -23.97
N ASP A 95 -5.02 -22.45 -23.92
CA ASP A 95 -4.92 -23.63 -23.07
C ASP A 95 -4.43 -24.86 -23.83
N ASN A 96 -3.75 -24.68 -24.95
CA ASN A 96 -3.25 -25.81 -25.72
C ASN A 96 -2.08 -26.47 -24.99
N VAL A 97 -2.10 -27.81 -24.92
CA VAL A 97 -0.98 -28.53 -24.34
C VAL A 97 0.23 -28.41 -25.24
N SER A 98 1.41 -28.42 -24.62
CA SER A 98 2.64 -28.54 -25.38
C SER A 98 2.80 -29.98 -25.87
N ASP A 99 3.45 -30.14 -27.02
CA ASP A 99 3.69 -31.47 -27.57
C ASP A 99 5.07 -31.49 -28.21
N SER A 100 5.40 -32.64 -28.82
CA SER A 100 6.71 -32.84 -29.41
C SER A 100 6.97 -31.96 -30.63
N ASN A 101 5.97 -31.23 -31.12
CA ASN A 101 6.16 -30.36 -32.27
C ASN A 101 6.58 -28.95 -31.89
N GLY A 102 6.45 -28.58 -30.61
CA GLY A 102 6.81 -27.24 -30.18
C GLY A 102 5.80 -26.19 -30.60
N ASN A 103 5.99 -24.97 -30.14
CA ASN A 103 5.10 -23.85 -30.46
C ASN A 103 5.87 -22.85 -31.32
N MET A 104 5.35 -22.57 -32.50
CA MET A 104 5.95 -21.63 -33.43
C MET A 104 5.18 -20.31 -33.40
N HIS A 105 5.91 -19.21 -33.24
CA HIS A 105 5.32 -17.88 -33.15
C HIS A 105 5.88 -17.01 -34.27
N THR A 106 4.98 -16.40 -35.04
CA THR A 106 5.39 -15.52 -36.12
C THR A 106 5.70 -14.14 -35.58
N ILE A 107 6.84 -13.59 -35.98
CA ILE A 107 7.28 -12.25 -35.60
C ILE A 107 7.34 -11.39 -36.87
N ASP A 108 6.86 -10.17 -36.77
CA ASP A 108 6.71 -9.29 -37.94
C ASP A 108 7.98 -8.46 -38.17
N ASN A 109 9.09 -9.18 -38.39
CA ASN A 109 10.37 -8.58 -38.78
C ASN A 109 10.81 -7.52 -37.77
N VAL A 110 10.74 -7.87 -36.49
CA VAL A 110 11.10 -6.96 -35.42
C VAL A 110 12.60 -7.05 -35.15
N ARG A 111 13.26 -5.90 -35.11
CA ARG A 111 14.67 -5.85 -34.75
C ARG A 111 14.86 -6.24 -33.30
N ALA A 112 15.86 -7.09 -33.05
CA ALA A 112 16.11 -7.55 -31.68
C ALA A 112 17.54 -8.05 -31.57
N GLY A 113 18.23 -7.61 -30.52
CA GLY A 113 19.53 -8.15 -30.18
C GLY A 113 19.44 -9.07 -28.98
N LYS A 114 18.44 -8.84 -28.14
CA LYS A 114 18.17 -9.68 -26.97
C LYS A 114 16.68 -10.02 -26.93
N ILE A 115 16.38 -11.13 -26.26
CA ILE A 115 15.01 -11.63 -26.12
C ILE A 115 14.80 -12.10 -24.69
N ARG A 116 13.63 -11.80 -24.13
CA ARG A 116 13.21 -12.30 -22.83
C ARG A 116 11.98 -13.17 -22.99
N ILE A 117 12.01 -14.35 -22.40
CA ILE A 117 10.86 -15.27 -22.40
C ILE A 117 10.44 -15.47 -20.95
N ASP A 118 9.24 -15.02 -20.61
CA ASP A 118 8.71 -15.12 -19.25
C ASP A 118 7.59 -16.16 -19.25
N VAL A 119 7.86 -17.31 -18.64
CA VAL A 119 6.88 -18.39 -18.58
C VAL A 119 6.09 -18.21 -17.28
N VAL A 120 4.84 -17.74 -17.41
CA VAL A 120 4.06 -17.37 -16.24
C VAL A 120 3.17 -18.51 -15.73
N GLN A 121 2.93 -19.55 -16.52
CA GLN A 121 2.06 -20.64 -16.09
C GLN A 121 2.59 -21.97 -16.60
N ASN A 122 2.64 -22.95 -15.68
CA ASN A 122 2.82 -24.36 -16.01
C ASN A 122 1.69 -25.10 -15.31
N SER A 123 0.76 -25.65 -16.08
CA SER A 123 -0.41 -26.30 -15.50
C SER A 123 -0.06 -27.48 -14.61
N ASN A 124 1.16 -28.01 -14.72
CA ASN A 124 1.55 -29.21 -14.02
C ASN A 124 2.41 -28.95 -12.78
N SER A 125 2.97 -27.75 -12.64
CA SER A 125 3.93 -27.51 -11.58
C SER A 125 4.06 -26.02 -11.31
N ASP A 126 4.50 -25.70 -10.08
CA ASP A 126 4.84 -24.33 -9.76
C ASP A 126 6.03 -23.83 -10.57
N ARG A 127 6.91 -24.74 -10.95
CA ARG A 127 8.11 -24.37 -11.70
C ARG A 127 7.87 -24.48 -13.19
N VAL A 128 8.54 -23.62 -13.94
CA VAL A 128 8.40 -23.56 -15.38
C VAL A 128 9.70 -24.02 -16.02
N ASN A 129 9.65 -24.28 -17.32
CA ASN A 129 10.82 -24.81 -18.00
C ASN A 129 10.78 -24.44 -19.47
N ILE A 130 11.95 -24.49 -20.09
CA ILE A 130 12.10 -24.37 -21.54
C ILE A 130 13.10 -25.43 -21.98
N ALA A 131 12.65 -26.39 -22.78
CA ALA A 131 13.55 -27.42 -23.28
C ALA A 131 14.46 -26.86 -24.38
N GLU A 132 13.88 -26.16 -25.35
CA GLU A 132 14.63 -25.53 -26.42
C GLU A 132 13.89 -24.30 -26.89
N ILE A 133 14.66 -23.27 -27.29
CA ILE A 133 14.11 -22.12 -27.98
C ILE A 133 14.96 -21.84 -29.21
N ASN A 134 14.31 -21.79 -30.37
CA ASN A 134 14.96 -21.48 -31.63
C ASN A 134 14.48 -20.12 -32.12
N VAL A 135 15.41 -19.30 -32.59
CA VAL A 135 15.11 -17.97 -33.09
C VAL A 135 15.50 -17.90 -34.56
N PHE A 136 14.60 -17.33 -35.37
CA PHE A 136 14.79 -17.23 -36.81
C PHE A 136 14.70 -15.77 -37.23
N GLY A 137 15.65 -15.33 -38.05
CA GLY A 137 15.64 -13.95 -38.49
C GLY A 137 16.77 -13.68 -39.45
N LYS A 138 16.90 -12.41 -39.82
CA LYS A 138 17.92 -11.96 -40.76
C LYS A 138 18.87 -10.99 -40.07
N ASN A 139 20.16 -11.26 -40.17
CA ASN A 139 21.18 -10.41 -39.58
C ASN A 139 21.13 -9.01 -40.19
N THR A 140 21.11 -7.99 -39.35
CA THR A 140 21.21 -6.61 -39.80
C THR A 140 22.65 -6.15 -39.99
N GLY A 141 23.62 -6.91 -39.46
CA GLY A 141 24.99 -6.46 -39.40
C GLY A 141 25.31 -5.58 -38.21
N GLU A 142 24.31 -5.11 -37.49
CA GLU A 142 24.52 -4.20 -36.37
C GLU A 142 24.63 -4.98 -35.05
N SER A 143 25.16 -4.29 -34.04
CA SER A 143 25.28 -4.83 -32.70
C SER A 143 24.63 -3.87 -31.71
N LEU A 144 24.18 -4.43 -30.59
CA LEU A 144 23.52 -3.62 -29.57
C LEU A 144 24.48 -2.56 -29.03
N PRO A 145 23.97 -1.39 -28.67
CA PRO A 145 24.82 -0.39 -28.01
C PRO A 145 25.12 -0.82 -26.59
N GLU A 146 26.25 -0.33 -26.08
CA GLU A 146 26.54 -0.47 -24.66
C GLU A 146 25.58 0.39 -23.87
N VAL A 147 24.88 -0.22 -22.92
CA VAL A 147 23.88 0.50 -22.14
C VAL A 147 24.56 1.25 -21.01
N LYS A 148 24.15 2.50 -20.80
CA LYS A 148 24.76 3.34 -19.79
C LYS A 148 24.48 2.78 -18.40
N LYS A 149 25.50 2.82 -17.54
CA LYS A 149 25.31 2.43 -16.15
C LYS A 149 24.38 3.41 -15.45
N ILE A 150 23.80 2.96 -14.34
CA ILE A 150 22.94 3.82 -13.54
C ILE A 150 23.75 5.01 -13.05
N ALA A 151 23.26 6.22 -13.33
CA ALA A 151 23.92 7.45 -12.93
C ALA A 151 22.90 8.32 -12.20
N THR A 152 23.21 8.69 -10.96
CA THR A 152 22.35 9.54 -10.16
C THR A 152 23.12 10.75 -9.67
N SER A 153 22.37 11.79 -9.33
CA SER A 153 22.94 13.04 -8.89
C SER A 153 23.13 13.06 -7.38
N ASN A 154 24.19 13.72 -6.93
CA ASN A 154 24.35 14.04 -5.53
C ASN A 154 23.46 15.23 -5.19
N PHE A 155 22.86 15.21 -3.99
CA PHE A 155 21.96 16.27 -3.58
C PHE A 155 22.63 17.63 -3.68
N SER A 156 23.88 17.73 -3.20
CA SER A 156 24.58 19.01 -3.15
C SER A 156 24.78 19.62 -4.53
N GLU A 157 24.66 18.84 -5.61
CA GLU A 157 24.85 19.35 -6.96
C GLU A 157 23.57 19.81 -7.62
N THR A 158 22.42 19.61 -6.98
CA THR A 158 21.13 19.85 -7.59
C THR A 158 20.58 21.21 -7.19
N PRO A 159 19.59 21.73 -7.93
CA PRO A 159 18.90 22.94 -7.47
C PRO A 159 18.17 22.75 -6.15
N TRP A 160 17.87 21.50 -5.78
CA TRP A 160 17.19 21.27 -4.51
C TRP A 160 18.05 21.68 -3.33
N ALA A 161 19.36 21.45 -3.41
CA ALA A 161 20.25 21.83 -2.31
C ALA A 161 20.32 23.34 -2.15
N THR A 162 20.42 24.07 -3.26
CA THR A 162 20.42 25.53 -3.20
C THR A 162 19.16 26.04 -2.52
N GLU A 163 18.00 25.55 -2.94
CA GLU A 163 16.73 26.01 -2.37
C GLU A 163 16.61 25.60 -0.90
N TYR A 164 17.06 24.38 -0.56
CA TYR A 164 16.92 23.93 0.81
C TYR A 164 17.76 24.76 1.77
N GLU A 165 19.00 25.09 1.37
CA GLU A 165 19.85 25.91 2.23
C GLU A 165 19.38 27.36 2.27
N LYS A 166 18.83 27.86 1.16
CA LYS A 166 18.29 29.21 1.15
C LYS A 166 17.14 29.35 2.14
N PHE A 167 16.22 28.39 2.14
CA PHE A 167 15.15 28.36 3.13
C PHE A 167 15.72 28.30 4.54
N ASN A 168 16.80 27.54 4.72
CA ASN A 168 17.37 27.34 6.06
C ASN A 168 17.98 28.62 6.61
N SER A 169 18.65 29.40 5.76
CA SER A 169 19.51 30.49 6.20
C SER A 169 18.91 31.87 6.01
N ASP A 170 17.73 31.97 5.40
CA ASP A 170 17.11 33.26 5.09
C ASP A 170 15.66 33.20 5.56
N SER A 171 15.40 33.78 6.73
CA SER A 171 14.05 33.70 7.32
C SER A 171 13.03 34.46 6.48
N ALA A 172 13.42 35.60 5.91
CA ALA A 172 12.51 36.34 5.05
C ALA A 172 12.15 35.54 3.80
N TYR A 173 13.14 34.88 3.20
CA TYR A 173 12.87 34.03 2.05
C TYR A 173 12.03 32.82 2.45
N ALA A 174 12.34 32.22 3.60
CA ALA A 174 11.58 31.05 4.05
C ALA A 174 10.13 31.42 4.35
N ASN A 175 9.90 32.57 4.98
CA ASN A 175 8.54 32.99 5.28
C ASN A 175 7.77 33.31 4.01
N GLU A 176 8.40 33.99 3.06
CA GLU A 176 7.75 34.24 1.77
C GLU A 176 7.41 32.94 1.07
N LYS A 177 8.31 31.96 1.15
CA LYS A 177 8.05 30.66 0.52
C LYS A 177 6.86 29.97 1.18
N THR A 178 6.87 29.92 2.52
CA THR A 178 5.79 29.24 3.24
C THR A 178 4.44 29.91 2.99
N LEU A 179 4.38 31.24 3.12
CA LEU A 179 3.12 31.94 2.94
C LEU A 179 2.60 31.81 1.51
N ASN A 180 3.50 31.84 0.52
CA ASN A 180 3.08 31.63 -0.86
C ASN A 180 2.59 30.21 -1.07
N GLU A 181 3.22 29.23 -0.43
CA GLU A 181 2.83 27.84 -0.60
C GLU A 181 1.47 27.56 0.01
N ILE A 182 1.17 28.17 1.15
CA ILE A 182 -0.15 28.02 1.76
C ILE A 182 -1.22 28.62 0.86
N LYS A 183 -0.90 29.75 0.22
CA LYS A 183 -1.81 30.33 -0.75
C LYS A 183 -2.02 29.40 -1.93
N ASN A 184 -0.95 28.74 -2.39
CA ASN A 184 -1.09 27.76 -3.46
C ASN A 184 -1.94 26.57 -3.01
N LEU A 185 -1.81 26.18 -1.75
CA LEU A 185 -2.65 25.11 -1.21
C LEU A 185 -4.12 25.50 -1.32
N VAL A 186 -4.47 26.72 -0.91
CA VAL A 186 -5.85 27.18 -0.98
C VAL A 186 -6.38 27.03 -2.40
N GLY A 187 -5.60 27.50 -3.39
CA GLY A 187 -6.02 27.38 -4.77
C GLY A 187 -6.23 25.94 -5.21
N ARG A 188 -5.35 25.03 -4.75
CA ARG A 188 -5.49 23.63 -5.13
C ARG A 188 -6.72 23.00 -4.47
N VAL A 189 -7.03 23.41 -3.25
CA VAL A 189 -8.07 22.71 -2.48
C VAL A 189 -9.45 23.18 -2.87
N ILE A 190 -9.68 24.50 -2.88
CA ILE A 190 -11.01 25.05 -3.15
C ILE A 190 -11.09 25.84 -4.44
N GLY A 191 -9.96 26.16 -5.07
CA GLY A 191 -10.00 26.91 -6.32
C GLY A 191 -9.18 28.18 -6.28
N ARG A 192 -8.49 28.49 -7.38
CA ARG A 192 -7.62 29.66 -7.43
C ARG A 192 -8.40 30.95 -7.17
N GLU A 193 -9.69 30.96 -7.46
CA GLU A 193 -10.50 32.17 -7.29
C GLU A 193 -10.62 32.59 -5.84
N PHE A 194 -10.30 31.71 -4.89
CA PHE A 194 -10.41 32.01 -3.48
C PHE A 194 -9.07 32.35 -2.82
N LYS A 195 -7.97 32.32 -3.59
CA LYS A 195 -6.66 32.57 -3.01
C LYS A 195 -6.57 33.97 -2.39
N ASP A 196 -7.14 34.98 -3.06
CA ASP A 196 -7.01 36.35 -2.60
C ASP A 196 -8.03 36.72 -1.54
N LYS A 197 -8.87 35.79 -1.10
CA LYS A 197 -9.79 36.03 0.00
C LYS A 197 -9.17 35.75 1.36
N PHE A 198 -7.89 35.34 1.40
CA PHE A 198 -7.22 34.98 2.64
C PHE A 198 -5.94 35.80 2.79
N ILE A 199 -5.62 36.17 4.02
CA ILE A 199 -4.35 36.77 4.38
C ILE A 199 -3.70 35.89 5.44
N PHE A 200 -2.49 35.42 5.17
CA PHE A 200 -1.79 34.50 6.06
C PHE A 200 -0.61 35.21 6.72
N GLU A 201 -0.41 34.92 8.00
CA GLU A 201 0.65 35.53 8.79
C GLU A 201 1.31 34.47 9.66
N ILE A 202 2.64 34.51 9.73
CA ILE A 202 3.35 33.69 10.70
C ILE A 202 3.34 34.40 12.05
N ARG A 203 3.04 33.66 13.11
CA ARG A 203 3.13 34.14 14.47
C ARG A 203 4.02 33.20 15.26
N ASP A 204 4.19 33.49 16.54
CA ASP A 204 4.99 32.63 17.39
C ASP A 204 4.14 31.48 17.92
N GLN A 205 4.81 30.51 18.55
CA GLN A 205 4.09 29.48 19.28
C GLN A 205 3.35 30.09 20.46
N LEU A 206 2.30 29.40 20.91
CA LEU A 206 1.56 29.79 22.10
C LEU A 206 2.09 28.95 23.26
N ASN A 207 2.97 29.56 24.06
CA ASN A 207 3.57 28.91 25.23
C ASN A 207 4.17 27.55 24.86
N GLY A 208 4.95 27.54 23.79
CA GLY A 208 5.65 26.35 23.34
C GLY A 208 4.82 25.40 22.52
N ASN A 209 3.59 25.75 22.17
CA ASN A 209 2.69 24.86 21.44
C ASN A 209 2.36 25.44 20.08
N ASP A 210 2.24 24.57 19.08
CA ASP A 210 1.74 24.99 17.78
C ASP A 210 0.33 25.55 17.93
N VAL A 211 0.02 26.58 17.14
CA VAL A 211 -1.20 27.36 17.34
C VAL A 211 -1.57 28.03 16.03
N PHE A 212 -2.88 28.21 15.83
CA PHE A 212 -3.37 28.99 14.70
C PHE A 212 -4.45 29.96 15.18
N GLU A 213 -4.70 30.98 14.37
CA GLU A 213 -5.72 31.98 14.62
C GLU A 213 -6.53 32.21 13.35
N VAL A 214 -7.83 32.46 13.53
CA VAL A 214 -8.71 32.82 12.43
CA VAL A 214 -8.73 32.80 12.43
C VAL A 214 -9.55 34.01 12.88
N SER A 215 -9.66 35.01 12.00
CA SER A 215 -10.39 36.23 12.34
C SER A 215 -10.71 36.98 11.07
N ASP A 216 -11.49 38.05 11.23
CA ASP A 216 -11.85 38.93 10.12
C ASP A 216 -10.78 39.99 9.93
N SER A 217 -10.44 40.25 8.66
CA SER A 217 -9.43 41.25 8.35
C SER A 217 -9.94 42.68 8.51
N GLY A 218 -11.24 42.88 8.32
CA GLY A 218 -11.84 44.20 8.32
C GLY A 218 -12.38 44.62 6.98
N ASP A 219 -11.95 43.99 5.90
CA ASP A 219 -12.42 44.31 4.55
C ASP A 219 -12.97 43.06 3.84
N GLY A 220 -13.53 42.13 4.60
CA GLY A 220 -14.17 40.97 4.03
C GLY A 220 -13.29 39.79 3.72
N LYS A 221 -12.01 39.86 4.08
CA LYS A 221 -11.09 38.73 3.89
C LYS A 221 -10.86 38.01 5.21
N VAL A 222 -10.35 36.79 5.11
CA VAL A 222 -10.10 35.94 6.26
C VAL A 222 -8.62 36.03 6.62
N LEU A 223 -8.34 36.43 7.85
CA LEU A 223 -6.97 36.54 8.35
C LEU A 223 -6.65 35.29 9.17
N ILE A 224 -5.60 34.58 8.78
CA ILE A 224 -5.23 33.33 9.43
C ILE A 224 -3.76 33.40 9.84
N LYS A 225 -3.49 33.15 11.11
CA LYS A 225 -2.13 33.12 11.64
C LYS A 225 -1.76 31.69 12.04
N GLY A 226 -0.46 31.45 12.13
CA GLY A 226 0.07 30.16 12.54
C GLY A 226 1.58 30.20 12.67
N ASN A 227 2.14 29.37 13.57
CA ASN A 227 3.57 29.41 13.78
C ASN A 227 4.37 28.75 12.66
N ASN A 228 3.72 27.94 11.83
CA ASN A 228 4.38 27.39 10.66
C ASN A 228 3.30 27.04 9.62
N GLY A 229 3.75 26.43 8.52
CA GLY A 229 2.82 26.12 7.44
C GLY A 229 1.71 25.18 7.85
N VAL A 230 2.04 24.18 8.67
CA VAL A 230 1.02 23.23 9.13
C VAL A 230 -0.06 23.95 9.92
N SER A 231 0.34 24.83 10.85
CA SER A 231 -0.63 25.58 11.63
C SER A 231 -1.48 26.48 10.72
N LEU A 232 -0.85 27.09 9.71
CA LEU A 232 -1.59 27.93 8.78
C LEU A 232 -2.61 27.11 7.99
N ALA A 233 -2.19 25.94 7.50
CA ALA A 233 -3.13 25.08 6.77
C ALA A 233 -4.22 24.56 7.68
N SER A 234 -3.88 24.28 8.95
CA SER A 234 -4.89 23.83 9.90
C SER A 234 -5.90 24.92 10.21
N GLY A 235 -5.47 26.18 10.26
CA GLY A 235 -6.41 27.27 10.45
C GLY A 235 -7.28 27.50 9.24
N PHE A 236 -6.71 27.35 8.04
CA PHE A 236 -7.52 27.38 6.82
C PHE A 236 -8.57 26.28 6.84
N ASN A 237 -8.18 25.08 7.26
CA ASN A 237 -9.13 23.98 7.38
C ASN A 237 -10.20 24.31 8.43
N TYR A 238 -9.79 24.86 9.57
CA TYR A 238 -10.75 25.21 10.61
C TYR A 238 -11.80 26.19 10.10
N TYR A 239 -11.38 27.16 9.29
CA TYR A 239 -12.33 28.13 8.74
C TYR A 239 -13.31 27.45 7.78
N LEU A 240 -12.81 26.55 6.94
CA LEU A 240 -13.69 25.85 6.01
C LEU A 240 -14.73 25.02 6.74
N LYS A 241 -14.31 24.30 7.78
CA LYS A 241 -15.21 23.36 8.45
C LYS A 241 -16.25 24.08 9.30
N ASN A 242 -15.87 25.17 9.96
CA ASN A 242 -16.72 25.79 10.96
C ASN A 242 -17.48 27.01 10.44
N TYR A 243 -17.11 27.54 9.27
CA TYR A 243 -17.81 28.70 8.72
C TYR A 243 -18.28 28.52 7.29
N CYS A 244 -17.73 27.57 6.54
CA CYS A 244 -18.12 27.35 5.16
C CYS A 244 -18.87 26.04 4.94
N ASN A 245 -19.00 25.21 5.97
CA ASN A 245 -19.64 23.90 5.85
C ASN A 245 -18.93 23.05 4.78
N VAL A 246 -17.61 23.17 4.72
CA VAL A 246 -16.79 22.52 3.70
C VAL A 246 -15.92 21.47 4.37
N SER A 247 -15.68 20.37 3.65
CA SER A 247 -14.90 19.25 4.17
C SER A 247 -14.01 18.72 3.05
N TYR A 248 -12.70 18.66 3.30
CA TYR A 248 -11.72 18.26 2.30
C TYR A 248 -11.16 16.89 2.63
N ASN A 249 -11.26 15.96 1.69
CA ASN A 249 -10.62 14.66 1.79
C ASN A 249 -10.36 14.16 0.37
N PRO A 250 -9.14 14.33 -0.13
CA PRO A 250 -8.88 14.02 -1.55
C PRO A 250 -8.91 12.53 -1.87
N ILE A 251 -8.85 11.67 -0.87
CA ILE A 251 -8.86 10.23 -1.08
C ILE A 251 -10.25 9.64 -0.89
N MET A 252 -11.03 10.18 0.05
CA MET A 252 -12.26 9.52 0.50
C MET A 252 -13.46 10.47 0.46
N GLY A 253 -13.47 11.44 -0.45
CA GLY A 253 -14.65 12.25 -0.67
C GLY A 253 -14.64 13.61 0.00
N SER A 254 -15.09 14.64 -0.72
CA SER A 254 -15.03 16.00 -0.24
C SER A 254 -16.34 16.72 -0.53
N ASN A 255 -16.56 17.80 0.21
CA ASN A 255 -17.54 18.84 -0.16
C ASN A 255 -16.80 20.16 -0.20
N LEU A 256 -16.59 20.69 -1.40
CA LEU A 256 -15.83 21.91 -1.59
C LEU A 256 -16.69 23.07 -2.10
N LYS A 257 -18.01 22.94 -2.01
CA LYS A 257 -18.92 24.00 -2.46
C LYS A 257 -18.79 25.19 -1.51
N MET A 258 -18.17 26.28 -2.00
CA MET A 258 -18.00 27.46 -1.19
C MET A 258 -19.19 28.40 -1.32
N PRO A 259 -19.52 29.14 -0.25
CA PRO A 259 -20.60 30.13 -0.34
C PRO A 259 -20.29 31.20 -1.37
N GLU A 260 -21.34 31.88 -1.82
CA GLU A 260 -21.18 32.94 -2.81
C GLU A 260 -20.33 34.07 -2.28
N THR A 261 -20.39 34.33 -0.97
CA THR A 261 -19.54 35.33 -0.33
C THR A 261 -18.89 34.71 0.90
N MET A 262 -17.69 35.18 1.20
CA MET A 262 -16.91 34.63 2.32
C MET A 262 -17.64 34.89 3.63
N PRO A 263 -18.01 33.85 4.38
CA PRO A 263 -18.65 34.06 5.69
C PRO A 263 -17.69 34.76 6.65
N SER A 264 -18.24 35.71 7.40
CA SER A 264 -17.43 36.42 8.38
C SER A 264 -17.16 35.54 9.60
N VAL A 265 -15.98 35.72 10.20
CA VAL A 265 -15.59 34.90 11.33
C VAL A 265 -16.33 35.32 12.59
N GLY A 266 -16.50 36.62 12.80
CA GLY A 266 -17.06 37.10 14.05
C GLY A 266 -15.99 37.22 15.09
N GLU A 267 -16.21 36.59 16.24
CA GLU A 267 -15.23 36.62 17.31
C GLU A 267 -13.97 35.87 16.89
N ARG A 268 -12.81 36.48 17.16
CA ARG A 268 -11.54 35.86 16.80
C ARG A 268 -11.36 34.54 17.53
N VAL A 269 -10.61 33.64 16.92
CA VAL A 269 -10.41 32.30 17.44
C VAL A 269 -8.90 32.03 17.52
N VAL A 270 -8.46 31.52 18.66
CA VAL A 270 -7.07 31.10 18.86
C VAL A 270 -7.12 29.67 19.38
N ILE A 271 -6.48 28.76 18.65
CA ILE A 271 -6.52 27.33 18.97
C ILE A 271 -5.11 26.76 18.86
N ASP A 272 -4.68 26.07 19.91
CA ASP A 272 -3.37 25.43 19.96
C ASP A 272 -3.53 23.93 20.14
N THR A 273 -2.40 23.23 20.06
CA THR A 273 -2.37 21.79 20.31
C THR A 273 -1.26 21.48 21.31
N PRO A 274 -1.52 20.63 22.30
CA PRO A 274 -0.47 20.27 23.26
C PRO A 274 0.52 19.24 22.76
N TYR A 275 0.31 18.69 21.56
CA TYR A 275 1.13 17.62 21.05
C TYR A 275 2.25 18.17 20.16
N GLU A 276 3.49 17.78 20.47
CA GLU A 276 4.61 18.20 19.64
C GLU A 276 4.52 17.59 18.25
N HIS A 277 4.09 16.34 18.15
CA HIS A 277 4.04 15.62 16.89
C HIS A 277 2.62 15.17 16.59
N ARG A 278 2.22 15.27 15.32
CA ARG A 278 1.05 14.60 14.80
C ARG A 278 1.53 13.74 13.64
N TYR A 279 1.45 12.43 13.82
CA TYR A 279 2.18 11.48 12.98
C TYR A 279 1.26 10.83 11.95
N ALA A 280 1.85 10.44 10.82
CA ALA A 280 1.08 9.73 9.80
C ALA A 280 1.97 8.71 9.10
N LEU A 281 1.37 7.53 8.82
CA LEU A 281 1.80 6.50 7.87
C LEU A 281 2.45 5.29 8.53
N ASN A 282 1.96 4.12 8.13
CA ASN A 282 2.59 2.83 8.37
C ASN A 282 3.55 2.55 7.21
N PHE A 283 4.58 1.75 7.48
CA PHE A 283 5.38 1.23 6.37
C PHE A 283 4.46 0.60 5.33
N CYS A 284 3.42 -0.10 5.79
CA CYS A 284 2.50 -0.80 4.89
C CYS A 284 1.75 0.16 3.98
N THR A 285 1.52 1.40 4.43
CA THR A 285 0.79 2.35 3.59
C THR A 285 1.50 2.59 2.26
N TYR A 286 2.84 2.53 2.27
CA TYR A 286 3.60 2.74 1.05
C TYR A 286 3.40 1.61 0.04
N SER A 287 2.77 0.52 0.43
CA SER A 287 2.50 -0.60 -0.46
C SER A 287 1.01 -0.77 -0.75
N TYR A 288 0.18 -0.92 0.30
CA TYR A 288 -1.24 -1.19 0.08
C TYR A 288 -1.95 0.01 -0.57
N THR A 289 -1.44 1.22 -0.38
CA THR A 289 -2.07 2.42 -0.92
C THR A 289 -1.18 3.14 -1.91
N MET A 290 0.04 3.51 -1.53
CA MET A 290 0.82 4.52 -2.23
C MET A 290 1.77 3.94 -3.27
N SER A 291 1.74 2.62 -3.52
CA SER A 291 2.71 1.98 -4.40
C SER A 291 2.89 2.73 -5.72
N PHE A 292 1.77 3.11 -6.35
CA PHE A 292 1.80 3.65 -7.69
C PHE A 292 1.37 5.12 -7.75
N TRP A 293 1.49 5.83 -6.63
CA TRP A 293 1.18 7.26 -6.59
C TRP A 293 2.16 8.05 -7.47
N ASP A 294 1.65 9.10 -8.10
CA ASP A 294 2.49 10.10 -8.73
C ASP A 294 2.58 11.33 -7.83
N TRP A 295 3.32 12.35 -8.28
CA TRP A 295 3.47 13.55 -7.46
C TRP A 295 2.14 14.25 -7.24
N ASP A 296 1.24 14.22 -8.23
CA ASP A 296 -0.07 14.82 -8.06
C ASP A 296 -0.80 14.23 -6.85
N GLN A 297 -0.70 12.92 -6.67
CA GLN A 297 -1.35 12.29 -5.52
C GLN A 297 -0.59 12.58 -4.23
N TYR A 298 0.74 12.68 -4.30
CA TYR A 298 1.51 13.03 -3.11
C TYR A 298 1.24 14.46 -2.68
N GLU A 299 1.07 15.36 -3.64
CA GLU A 299 0.79 16.76 -3.31
C GLU A 299 -0.56 16.91 -2.63
N GLU A 300 -1.60 16.27 -3.17
CA GLU A 300 -2.90 16.22 -2.53
C GLU A 300 -2.77 15.73 -1.09
N PHE A 301 -2.04 14.64 -0.88
CA PHE A 301 -1.93 14.02 0.44
C PHE A 301 -1.24 14.96 1.41
N LEU A 302 -0.17 15.64 0.97
CA LEU A 302 0.51 16.57 1.86
C LEU A 302 -0.35 17.79 2.16
N ASP A 303 -1.13 18.25 1.18
CA ASP A 303 -2.09 19.31 1.45
C ASP A 303 -3.08 18.89 2.52
N TRP A 304 -3.63 17.68 2.40
CA TRP A 304 -4.57 17.16 3.38
C TRP A 304 -3.88 16.95 4.73
N CYS A 305 -2.63 16.47 4.72
CA CYS A 305 -1.89 16.29 5.96
C CYS A 305 -1.75 17.61 6.72
N ALA A 306 -1.21 18.63 6.04
CA ALA A 306 -1.02 19.92 6.70
C ALA A 306 -2.34 20.48 7.23
N MET A 307 -3.42 20.34 6.45
CA MET A 307 -4.71 20.86 6.88
C MET A 307 -5.25 20.13 8.11
N ASN A 308 -4.83 18.89 8.32
CA ASN A 308 -5.25 18.12 9.49
C ASN A 308 -4.22 18.16 10.61
N GLY A 309 -3.23 19.03 10.52
CA GLY A 309 -2.27 19.23 11.60
C GLY A 309 -1.10 18.27 11.60
N VAL A 310 -0.93 17.48 10.55
CA VAL A 310 0.15 16.48 10.51
C VAL A 310 1.48 17.18 10.34
N ASN A 311 2.47 16.81 11.17
CA ASN A 311 3.80 17.38 11.05
C ASN A 311 4.92 16.34 11.16
N LEU A 312 4.61 15.05 11.07
CA LEU A 312 5.62 14.00 11.14
C LEU A 312 5.15 12.84 10.29
N VAL A 313 5.86 12.55 9.20
CA VAL A 313 5.41 11.61 8.18
C VAL A 313 6.53 10.64 7.84
N LEU A 314 6.23 9.35 7.90
CA LEU A 314 7.19 8.33 7.47
C LEU A 314 7.48 8.49 5.98
N ASP A 315 8.76 8.38 5.63
CA ASP A 315 9.24 8.73 4.29
C ASP A 315 10.29 7.72 3.85
N ILE A 316 9.94 6.85 2.91
CA ILE A 316 10.88 5.89 2.33
C ILE A 316 11.08 6.12 0.84
N ILE A 317 10.63 7.26 0.31
CA ILE A 317 10.70 7.52 -1.12
C ILE A 317 12.15 7.61 -1.56
N GLY A 318 12.51 6.83 -2.57
CA GLY A 318 13.85 6.87 -3.11
C GLY A 318 14.91 6.19 -2.27
N GLN A 319 14.52 5.46 -1.22
CA GLN A 319 15.48 4.75 -0.39
C GLN A 319 16.19 3.63 -1.15
N GLU A 320 15.68 3.23 -2.32
CA GLU A 320 16.37 2.23 -3.13
C GLU A 320 17.70 2.77 -3.63
N GLU A 321 17.75 4.07 -3.95
CA GLU A 321 19.01 4.67 -4.38
C GLU A 321 19.99 4.77 -3.22
N VAL A 322 19.49 5.06 -2.01
CA VAL A 322 20.35 5.09 -0.84
C VAL A 322 21.00 3.72 -0.63
N LEU A 323 20.20 2.66 -0.74
CA LEU A 323 20.73 1.31 -0.50
C LEU A 323 21.62 0.85 -1.63
N ARG A 324 21.34 1.26 -2.87
CA ARG A 324 22.22 0.91 -3.99
C ARG A 324 23.62 1.47 -3.76
N ARG A 325 23.72 2.75 -3.44
CA ARG A 325 25.02 3.36 -3.17
C ARG A 325 25.72 2.65 -2.01
N THR A 326 24.95 2.26 -0.99
CA THR A 326 25.54 1.58 0.17
C THR A 326 26.10 0.21 -0.21
N LEU A 327 25.28 -0.63 -0.85
CA LEU A 327 25.73 -1.97 -1.19
C LEU A 327 26.79 -1.97 -2.29
N ASN A 328 26.81 -0.93 -3.13
CA ASN A 328 27.89 -0.81 -4.12
C ASN A 328 29.26 -0.76 -3.46
N GLU A 329 29.33 -0.29 -2.22
CA GLU A 329 30.58 -0.20 -1.49
C GLU A 329 31.00 -1.50 -0.83
N PHE A 330 30.20 -2.56 -0.95
CA PHE A 330 30.49 -3.83 -0.33
C PHE A 330 30.32 -4.98 -1.31
N GLY A 331 30.76 -4.77 -2.55
CA GLY A 331 30.88 -5.83 -3.53
C GLY A 331 29.63 -6.15 -4.32
N TYR A 332 28.61 -5.29 -4.28
CA TYR A 332 27.38 -5.53 -5.02
C TYR A 332 27.32 -4.67 -6.26
N SER A 333 27.12 -5.30 -7.41
CA SER A 333 26.81 -4.55 -8.62
C SER A 333 25.39 -4.02 -8.55
N ASP A 334 25.04 -3.14 -9.51
CA ASP A 334 23.68 -2.63 -9.56
C ASP A 334 22.69 -3.75 -9.82
N GLU A 335 23.03 -4.70 -10.68
CA GLU A 335 22.14 -5.81 -10.96
C GLU A 335 21.87 -6.66 -9.72
N GLU A 336 22.91 -6.89 -8.92
CA GLU A 336 22.74 -7.65 -7.68
C GLU A 336 21.87 -6.89 -6.69
N VAL A 337 22.01 -5.56 -6.66
CA VAL A 337 21.15 -4.74 -5.81
C VAL A 337 19.69 -4.85 -6.24
N LYS A 338 19.46 -4.83 -7.55
CA LYS A 338 18.09 -4.92 -8.06
C LYS A 338 17.45 -6.28 -7.74
N GLU A 339 18.27 -7.33 -7.67
CA GLU A 339 17.73 -8.63 -7.26
C GLU A 339 17.43 -8.67 -5.77
N PHE A 340 18.19 -7.92 -4.97
CA PHE A 340 17.92 -7.86 -3.54
C PHE A 340 16.65 -7.08 -3.24
N ILE A 341 16.54 -5.87 -3.82
CA ILE A 341 15.38 -5.02 -3.57
C ILE A 341 14.13 -5.67 -4.17
N SER A 342 12.99 -5.46 -3.52
CA SER A 342 11.72 -6.00 -3.97
C SER A 342 11.18 -5.18 -5.15
N GLY A 343 9.98 -5.54 -5.59
CA GLY A 343 9.26 -4.76 -6.57
C GLY A 343 8.57 -3.58 -5.94
N PRO A 344 7.90 -2.78 -6.79
CA PRO A 344 7.34 -1.50 -6.32
C PRO A 344 6.17 -1.63 -5.36
N ALA A 345 5.54 -2.80 -5.24
CA ALA A 345 4.39 -2.96 -4.36
C ALA A 345 4.74 -3.64 -3.05
N TYR A 346 6.03 -3.80 -2.74
CA TYR A 346 6.44 -4.58 -1.58
C TYR A 346 7.50 -3.89 -0.74
N PHE A 347 7.69 -2.57 -0.92
CA PHE A 347 8.72 -1.85 -0.18
C PHE A 347 8.47 -1.89 1.32
N ALA A 348 7.20 -1.98 1.73
CA ALA A 348 6.88 -1.99 3.16
C ALA A 348 7.59 -3.13 3.88
N TRP A 349 7.54 -4.33 3.29
CA TRP A 349 8.12 -5.50 3.93
C TRP A 349 9.57 -5.71 3.55
N PHE A 350 10.05 -5.04 2.49
CA PHE A 350 11.48 -4.99 2.23
C PHE A 350 12.20 -4.18 3.30
N TYR A 351 11.68 -2.98 3.60
CA TYR A 351 12.35 -2.11 4.55
C TYR A 351 12.09 -2.49 6.00
N MET A 352 11.03 -3.25 6.27
CA MET A 352 10.86 -3.86 7.59
C MET A 352 11.59 -5.20 7.70
N GLN A 353 12.43 -5.53 6.72
CA GLN A 353 13.35 -6.67 6.77
C GLN A 353 12.62 -8.01 6.79
N ASN A 354 11.47 -8.08 6.11
CA ASN A 354 10.68 -9.31 6.06
C ASN A 354 10.86 -10.10 4.78
N MET A 355 11.31 -9.47 3.69
CA MET A 355 11.32 -10.13 2.39
C MET A 355 12.24 -9.38 1.44
N THR A 356 12.67 -10.08 0.39
CA THR A 356 13.56 -9.51 -0.62
C THR A 356 13.13 -9.98 -2.00
N GLY A 357 13.51 -9.21 -3.02
CA GLY A 357 13.45 -9.66 -4.39
C GLY A 357 12.10 -9.68 -5.09
N PHE A 358 11.07 -10.19 -4.41
CA PHE A 358 9.80 -10.49 -5.06
C PHE A 358 9.18 -9.24 -5.68
N GLY A 359 8.72 -9.37 -6.93
CA GLY A 359 8.16 -8.26 -7.66
C GLY A 359 9.16 -7.48 -8.49
N GLY A 360 10.46 -7.68 -8.26
CA GLY A 360 11.48 -7.03 -9.05
C GLY A 360 11.96 -7.92 -10.18
N PRO A 361 13.06 -7.52 -10.83
CA PRO A 361 13.85 -6.33 -10.54
C PRO A 361 13.24 -5.02 -11.01
N LEU A 362 13.51 -3.94 -10.27
CA LEU A 362 13.08 -2.63 -10.68
C LEU A 362 13.85 -2.19 -11.92
N PRO A 363 13.27 -1.32 -12.75
CA PRO A 363 14.00 -0.83 -13.92
C PRO A 363 15.16 0.07 -13.51
N ASN A 364 16.12 0.21 -14.44
CA ASN A 364 17.31 0.99 -14.15
C ASN A 364 16.96 2.45 -13.87
N ASP A 365 16.00 3.00 -14.60
CA ASP A 365 15.60 4.41 -14.43
C ASP A 365 14.82 4.65 -13.15
N TRP A 366 14.52 3.61 -12.38
CA TRP A 366 13.76 3.78 -11.14
C TRP A 366 14.51 4.66 -10.16
N PHE A 367 15.83 4.46 -10.03
CA PHE A 367 16.58 5.03 -8.92
C PHE A 367 16.62 6.56 -8.99
N GLU A 368 16.95 7.11 -10.17
CA GLU A 368 17.03 8.56 -10.28
C GLU A 368 15.65 9.20 -10.14
N GLN A 369 14.62 8.58 -10.71
CA GLN A 369 13.28 9.15 -10.64
C GLN A 369 12.77 9.24 -9.20
N ARG A 370 13.02 8.20 -8.40
CA ARG A 370 12.52 8.17 -7.04
C ARG A 370 13.32 9.09 -6.11
N ALA A 371 14.63 9.17 -6.32
CA ALA A 371 15.41 10.15 -5.58
C ALA A 371 14.90 11.57 -5.87
N GLU A 372 14.54 11.83 -7.12
CA GLU A 372 14.01 13.14 -7.49
C GLU A 372 12.65 13.39 -6.85
N LEU A 373 11.78 12.38 -6.83
CA LEU A 373 10.50 12.53 -6.15
C LEU A 373 10.70 12.80 -4.66
N GLY A 374 11.64 12.09 -4.03
CA GLY A 374 11.90 12.31 -2.61
C GLY A 374 12.39 13.71 -2.33
N ARG A 375 13.27 14.25 -3.20
CA ARG A 375 13.71 15.63 -3.02
C ARG A 375 12.56 16.60 -3.21
N LYS A 376 11.66 16.31 -4.15
CA LYS A 376 10.48 17.14 -4.35
C LYS A 376 9.61 17.15 -3.09
N MET A 377 9.44 16.00 -2.45
CA MET A 377 8.64 15.93 -1.22
C MET A 377 9.28 16.73 -0.09
N HIS A 378 10.60 16.62 0.06
CA HIS A 378 11.27 17.31 1.16
C HIS A 378 11.20 18.82 1.00
N ASP A 379 11.23 19.32 -0.24
CA ASP A 379 11.03 20.75 -0.48
C ASP A 379 9.66 21.20 0.01
N ARG A 380 8.62 20.44 -0.35
CA ARG A 380 7.27 20.79 0.10
C ARG A 380 7.11 20.63 1.60
N MET A 381 7.66 19.56 2.17
CA MET A 381 7.59 19.36 3.61
C MET A 381 8.31 20.46 4.36
N GLN A 382 9.44 20.93 3.82
CA GLN A 382 10.16 22.03 4.46
C GLN A 382 9.34 23.31 4.44
N SER A 383 8.61 23.56 3.35
CA SER A 383 7.75 24.73 3.28
C SER A 383 6.67 24.68 4.34
N PHE A 384 6.08 23.51 4.56
CA PHE A 384 4.99 23.37 5.52
C PHE A 384 5.48 23.23 6.96
N GLY A 385 6.70 22.79 7.16
CA GLY A 385 7.16 22.43 8.49
C GLY A 385 6.86 21.00 8.88
N ILE A 386 6.70 20.10 7.91
CA ILE A 386 6.47 18.69 8.18
C ILE A 386 7.82 17.98 8.24
N ASN A 387 8.05 17.25 9.32
CA ASN A 387 9.27 16.47 9.46
C ASN A 387 9.09 15.12 8.79
N PRO A 388 9.91 14.75 7.82
CA PRO A 388 9.94 13.36 7.36
C PRO A 388 10.70 12.49 8.34
N VAL A 389 10.34 11.22 8.38
CA VAL A 389 11.09 10.22 9.12
C VAL A 389 11.87 9.40 8.09
N LEU A 390 13.18 9.63 8.02
CA LEU A 390 14.01 8.90 7.08
C LEU A 390 14.38 7.55 7.68
N GLN A 391 15.43 6.91 7.16
CA GLN A 391 15.78 5.55 7.52
C GLN A 391 16.93 5.54 8.51
N GLY A 392 16.79 4.74 9.57
CA GLY A 392 17.91 4.30 10.35
C GLY A 392 18.50 3.03 9.75
N TYR A 393 19.59 2.55 10.35
CA TYR A 393 20.20 1.31 9.91
C TYR A 393 20.48 0.41 11.11
N SER A 394 20.04 -0.85 11.00
CA SER A 394 20.17 -1.80 12.09
C SER A 394 20.94 -3.07 11.72
N GLY A 395 21.43 -3.19 10.49
CA GLY A 395 22.27 -4.31 10.13
C GLY A 395 21.76 -5.18 9.01
N MET A 396 20.72 -4.73 8.31
CA MET A 396 20.13 -5.52 7.23
C MET A 396 21.10 -5.67 6.07
N VAL A 397 21.35 -6.91 5.66
CA VAL A 397 22.21 -7.21 4.52
C VAL A 397 21.64 -8.40 3.76
N PRO A 398 22.00 -8.55 2.48
CA PRO A 398 21.60 -9.75 1.75
C PRO A 398 22.21 -11.00 2.35
N ARG A 399 21.64 -12.15 1.98
CA ARG A 399 22.09 -13.42 2.54
C ARG A 399 23.46 -13.84 2.04
N ASP A 400 23.93 -13.26 0.94
CA ASP A 400 25.26 -13.57 0.40
C ASP A 400 26.30 -12.52 0.80
N PHE A 401 26.02 -11.74 1.84
CA PHE A 401 26.94 -10.67 2.22
C PHE A 401 28.30 -11.21 2.64
N LYS A 402 28.32 -12.35 3.36
CA LYS A 402 29.59 -12.94 3.77
C LYS A 402 30.38 -13.46 2.57
N GLU A 403 29.70 -13.96 1.54
CA GLU A 403 30.39 -14.41 0.34
C GLU A 403 31.22 -13.29 -0.28
N LYS A 404 30.71 -12.06 -0.22
CA LYS A 404 31.41 -10.91 -0.77
C LYS A 404 32.26 -10.18 0.25
N ASN A 405 32.01 -10.39 1.54
CA ASN A 405 32.75 -9.73 2.62
C ASN A 405 33.07 -10.81 3.66
N GLN A 406 34.20 -11.50 3.46
CA GLN A 406 34.49 -12.71 4.23
C GLN A 406 34.59 -12.46 5.72
N GLU A 407 35.09 -11.29 6.13
CA GLU A 407 35.27 -11.02 7.54
C GLU A 407 33.98 -10.63 8.25
N ALA A 408 32.88 -10.43 7.53
CA ALA A 408 31.65 -10.00 8.14
C ALA A 408 30.99 -11.13 8.93
N GLN A 409 30.36 -10.77 10.04
CA GLN A 409 29.61 -11.70 10.87
C GLN A 409 28.13 -11.37 10.76
N THR A 410 27.32 -12.37 10.41
CA THR A 410 25.89 -12.17 10.18
C THR A 410 25.08 -13.19 10.96
N ILE A 411 23.79 -12.88 11.10
CA ILE A 411 22.83 -13.74 11.79
C ILE A 411 21.69 -14.02 10.83
N SER A 412 21.47 -15.30 10.54
CA SER A 412 20.34 -15.69 9.71
C SER A 412 19.03 -15.37 10.44
N GLN A 413 18.13 -14.67 9.74
CA GLN A 413 16.87 -14.23 10.33
C GLN A 413 15.71 -15.17 10.04
N GLY A 414 15.93 -16.24 9.27
CA GLY A 414 14.88 -17.19 9.02
C GLY A 414 13.86 -16.68 8.02
N GLY A 415 12.62 -17.18 8.17
CA GLY A 415 11.58 -16.88 7.21
C GLY A 415 10.48 -15.97 7.72
N TRP A 416 9.77 -15.34 6.80
CA TRP A 416 8.59 -14.53 7.10
C TRP A 416 7.55 -14.85 6.03
N CYS A 417 6.48 -15.53 6.42
CA CYS A 417 5.38 -15.89 5.51
C CYS A 417 5.90 -16.57 4.25
N GLY A 418 6.87 -17.47 4.41
CA GLY A 418 7.44 -18.17 3.29
C GLY A 418 8.54 -17.44 2.55
N PHE A 419 8.74 -16.15 2.81
CA PHE A 419 9.85 -15.42 2.24
C PHE A 419 11.11 -15.60 3.06
N ASP A 420 12.25 -15.59 2.39
CA ASP A 420 13.54 -15.57 3.08
C ASP A 420 13.82 -14.16 3.57
N ARG A 421 13.90 -13.99 4.90
CA ARG A 421 14.27 -12.69 5.44
C ARG A 421 15.72 -12.39 5.10
N PRO A 422 16.09 -11.12 4.95
CA PRO A 422 17.50 -10.77 4.80
C PRO A 422 18.27 -11.11 6.06
N ASP A 423 19.58 -11.27 5.91
CA ASP A 423 20.43 -11.47 7.07
C ASP A 423 20.51 -10.18 7.89
N MET A 424 21.06 -10.30 9.09
CA MET A 424 21.34 -9.17 9.95
C MET A 424 22.78 -9.25 10.40
N LEU A 425 23.54 -8.18 10.19
CA LEU A 425 24.90 -8.13 10.71
C LEU A 425 24.87 -8.20 12.23
N LYS A 426 25.86 -8.90 12.80
CA LYS A 426 26.02 -8.88 14.24
C LYS A 426 26.26 -7.45 14.70
N THR A 427 25.40 -6.97 15.59
CA THR A 427 25.47 -5.56 16.01
C THR A 427 26.79 -5.24 16.69
N TYR A 428 27.40 -6.23 17.33
CA TYR A 428 28.75 -6.10 17.86
C TYR A 428 29.44 -7.45 17.71
N VAL A 429 30.77 -7.42 17.75
CA VAL A 429 31.59 -8.62 17.57
C VAL A 429 32.63 -8.68 18.68
N ASN A 430 33.35 -9.80 18.71
CA ASN A 430 34.46 -9.94 19.65
C ASN A 430 35.65 -9.10 19.20
N GLU A 431 36.56 -8.85 20.13
CA GLU A 431 37.78 -8.19 19.73
C GLU A 431 38.64 -9.14 18.90
N GLY A 432 39.26 -8.58 17.86
CA GLY A 432 39.92 -9.37 16.85
C GLY A 432 39.09 -9.63 15.62
N GLU A 433 37.78 -9.42 15.70
CA GLU A 433 36.87 -9.59 14.58
C GLU A 433 36.57 -8.24 13.94
N ALA A 434 36.29 -8.27 12.63
CA ALA A 434 35.88 -7.06 11.93
C ALA A 434 34.43 -6.73 12.26
N ASP A 435 34.15 -5.45 12.43
CA ASP A 435 32.83 -4.97 12.81
C ASP A 435 32.17 -4.34 11.58
N TYR A 436 31.49 -5.17 10.79
CA TYR A 436 30.85 -4.68 9.59
C TYR A 436 29.54 -3.97 9.85
N PHE A 437 28.95 -4.09 11.05
CA PHE A 437 27.84 -3.19 11.37
C PHE A 437 28.31 -1.75 11.39
N GLN A 438 29.45 -1.50 12.04
CA GLN A 438 30.00 -0.15 12.06
C GLN A 438 30.36 0.32 10.65
N LYS A 439 30.97 -0.57 9.86
CA LYS A 439 31.37 -0.19 8.50
C LYS A 439 30.16 0.14 7.64
N VAL A 440 29.18 -0.76 7.60
CA VAL A 440 28.04 -0.57 6.70
C VAL A 440 27.14 0.58 7.19
N ALA A 441 26.93 0.67 8.50
CA ALA A 441 26.10 1.75 9.03
C ALA A 441 26.72 3.11 8.73
N ASP A 442 28.04 3.22 8.86
CA ASP A 442 28.71 4.47 8.50
C ASP A 442 28.44 4.83 7.05
N VAL A 443 28.56 3.85 6.15
CA VAL A 443 28.28 4.12 4.73
C VAL A 443 26.82 4.47 4.52
N PHE A 444 25.91 3.73 5.15
CA PHE A 444 24.48 3.96 4.90
C PHE A 444 24.07 5.38 5.25
N TYR A 445 24.41 5.83 6.47
CA TYR A 445 24.02 7.18 6.87
C TYR A 445 24.68 8.23 6.00
N GLU A 446 25.91 7.98 5.57
CA GLU A 446 26.59 8.92 4.68
C GLU A 446 25.95 8.94 3.30
N LYS A 447 25.57 7.77 2.78
CA LYS A 447 24.91 7.72 1.47
C LYS A 447 23.52 8.33 1.52
N GLN A 448 22.80 8.16 2.64
CA GLN A 448 21.49 8.80 2.77
C GLN A 448 21.61 10.32 2.68
N LYS A 449 22.67 10.89 3.27
CA LYS A 449 22.88 12.33 3.19
C LYS A 449 23.26 12.75 1.77
N GLU A 450 24.04 11.93 1.07
CA GLU A 450 24.39 12.23 -0.31
C GLU A 450 23.16 12.33 -1.20
N VAL A 451 22.14 11.53 -0.92
CA VAL A 451 20.97 11.48 -1.79
C VAL A 451 20.00 12.61 -1.48
N PHE A 452 19.74 12.87 -0.20
CA PHE A 452 18.69 13.80 0.19
C PHE A 452 19.16 15.01 0.99
N GLY A 453 20.38 14.98 1.54
CA GLY A 453 20.82 16.08 2.38
C GLY A 453 20.26 15.97 3.78
N ASP A 454 20.52 17.01 4.57
CA ASP A 454 20.10 17.07 5.97
C ASP A 454 18.67 17.61 6.04
N VAL A 455 17.70 16.70 5.96
CA VAL A 455 16.29 17.10 5.90
C VAL A 455 15.53 16.79 7.19
N THR A 456 16.10 16.03 8.12
CA THR A 456 15.35 15.66 9.31
C THR A 456 16.29 15.15 10.39
N ASN A 457 15.78 15.15 11.62
CA ASN A 457 16.43 14.52 12.76
C ASN A 457 15.77 13.19 13.15
N PHE A 458 14.76 12.76 12.41
CA PHE A 458 13.97 11.59 12.78
C PHE A 458 14.25 10.45 11.81
N TYR A 459 14.61 9.29 12.37
CA TYR A 459 15.01 8.13 11.59
C TYR A 459 14.29 6.89 12.14
N GLY A 460 13.74 6.09 11.25
CA GLY A 460 12.99 4.90 11.62
C GLY A 460 13.69 3.63 11.15
N VAL A 461 13.79 2.66 12.05
CA VAL A 461 14.29 1.33 11.71
C VAL A 461 13.79 0.38 12.80
N ASP A 462 13.49 -0.86 12.40
CA ASP A 462 12.80 -1.81 13.27
C ASP A 462 13.36 -3.21 13.08
N PRO A 463 14.50 -3.52 13.71
CA PRO A 463 14.99 -4.89 13.68
C PRO A 463 14.03 -5.84 14.38
N PHE A 464 14.01 -7.09 13.92
CA PHE A 464 13.19 -8.15 14.51
C PHE A 464 11.70 -7.82 14.43
N HIS A 465 11.30 -7.18 13.33
CA HIS A 465 9.89 -6.90 13.11
C HIS A 465 9.16 -8.19 12.72
N GLU A 466 8.26 -8.64 13.58
CA GLU A 466 7.44 -9.83 13.35
C GLU A 466 8.28 -11.09 13.16
N GLY A 467 9.42 -11.17 13.83
CA GLY A 467 10.23 -12.36 13.77
C GLY A 467 11.71 -12.01 13.86
N GLY A 468 12.51 -12.73 13.08
CA GLY A 468 13.94 -12.57 13.13
C GLY A 468 14.58 -13.47 14.18
N ASN A 469 15.85 -13.17 14.46
CA ASN A 469 16.63 -14.00 15.37
C ASN A 469 17.75 -13.14 15.96
N THR A 470 17.79 -13.04 17.29
CA THR A 470 18.84 -12.27 17.95
C THR A 470 20.13 -13.05 18.10
N GLY A 471 20.16 -14.32 17.69
CA GLY A 471 21.40 -15.09 17.75
C GLY A 471 21.95 -15.20 19.16
N ASP A 472 23.24 -14.96 19.30
CA ASP A 472 23.92 -14.96 20.59
C ASP A 472 23.89 -13.59 21.27
N LEU A 473 23.30 -12.58 20.63
CA LEU A 473 23.46 -11.21 21.08
C LEU A 473 22.54 -10.88 22.25
N ASP A 474 22.94 -9.87 23.01
CA ASP A 474 22.14 -9.36 24.11
C ASP A 474 21.14 -8.33 23.58
N ASN A 475 19.88 -8.46 24.02
CA ASN A 475 18.81 -7.65 23.46
C ASN A 475 19.05 -6.16 23.69
N GLY A 476 19.35 -5.79 24.94
CA GLY A 476 19.54 -4.37 25.24
C GLY A 476 20.75 -3.78 24.55
N LYS A 477 21.85 -4.53 24.50
CA LYS A 477 23.07 -4.03 23.85
C LYS A 477 22.83 -3.75 22.37
N ILE A 478 21.99 -4.56 21.72
CA ILE A 478 21.67 -4.33 20.32
C ILE A 478 21.10 -2.94 20.13
N TYR A 479 20.12 -2.56 20.95
CA TYR A 479 19.47 -1.27 20.78
C TYR A 479 20.35 -0.14 21.25
N GLU A 480 21.20 -0.37 22.25
CA GLU A 480 22.17 0.65 22.66
C GLU A 480 23.08 1.03 21.49
N ILE A 481 23.63 0.03 20.81
CA ILE A 481 24.61 0.29 19.76
C ILE A 481 23.94 0.90 18.54
N ILE A 482 22.74 0.43 18.19
CA ILE A 482 22.04 0.99 17.04
C ILE A 482 21.74 2.47 17.26
N GLN A 483 21.26 2.82 18.46
CA GLN A 483 20.97 4.23 18.74
C GLN A 483 22.25 5.06 18.73
N ASN A 484 23.32 4.56 19.36
CA ASN A 484 24.57 5.32 19.41
C ASN A 484 25.11 5.58 18.01
N LYS A 485 25.03 4.59 17.13
CA LYS A 485 25.48 4.79 15.76
C LYS A 485 24.63 5.83 15.04
N MET A 486 23.32 5.83 15.30
CA MET A 486 22.46 6.84 14.71
C MET A 486 22.81 8.24 15.20
N ILE A 487 23.05 8.39 16.50
CA ILE A 487 23.40 9.69 17.06
C ILE A 487 24.78 10.12 16.59
N GLU A 488 25.68 9.16 16.35
CA GLU A 488 27.02 9.49 15.86
C GLU A 488 26.95 10.27 14.55
N HIS A 489 26.01 9.93 13.68
CA HIS A 489 25.88 10.60 12.39
C HIS A 489 24.88 11.76 12.41
N ASP A 490 24.10 11.89 13.49
CA ASP A 490 23.22 13.04 13.68
C ASP A 490 23.05 13.20 15.18
N ASN A 491 23.76 14.18 15.77
CA ASN A 491 23.74 14.34 17.22
C ASN A 491 22.35 14.60 17.76
N ASP A 492 21.44 15.13 16.93
CA ASP A 492 20.07 15.40 17.36
C ASP A 492 19.09 14.31 16.93
N ALA A 493 19.59 13.13 16.56
CA ALA A 493 18.74 12.09 16.00
C ALA A 493 17.72 11.60 17.02
N VAL A 494 16.52 11.27 16.52
CA VAL A 494 15.48 10.61 17.31
C VAL A 494 15.12 9.32 16.58
N TRP A 495 15.34 8.19 17.24
CA TRP A 495 15.04 6.88 16.67
C TRP A 495 13.54 6.61 16.86
N VAL A 496 12.79 6.62 15.75
CA VAL A 496 11.36 6.34 15.77
C VAL A 496 11.17 4.82 15.69
N ILE A 497 10.56 4.26 16.72
CA ILE A 497 10.46 2.81 16.90
C ILE A 497 8.99 2.41 16.90
N GLN A 498 8.65 1.40 16.10
CA GLN A 498 7.32 0.82 16.14
C GLN A 498 7.17 -0.07 17.37
N ASN A 499 5.99 0.00 17.98
CA ASN A 499 5.60 -0.92 19.06
C ASN A 499 4.45 -1.77 18.54
N TRP A 500 4.75 -3.03 18.24
CA TRP A 500 3.79 -3.94 17.61
C TRP A 500 3.84 -5.28 18.31
N GLN A 501 2.66 -5.74 18.79
CA GLN A 501 2.49 -6.90 19.67
C GLN A 501 3.67 -7.13 20.60
N GLY A 502 3.89 -6.21 21.53
CA GLY A 502 4.85 -6.40 22.60
C GLY A 502 6.31 -6.31 22.20
N ASN A 503 6.62 -6.04 20.93
CA ASN A 503 7.99 -5.91 20.48
C ASN A 503 8.25 -4.48 20.01
N PRO A 504 9.42 -3.90 20.35
CA PRO A 504 10.53 -4.49 21.09
C PRO A 504 10.24 -4.68 22.57
N SER A 505 10.71 -5.79 23.13
CA SER A 505 10.49 -6.08 24.54
C SER A 505 11.11 -5.01 25.42
N ASN A 506 10.70 -5.01 26.70
CA ASN A 506 11.24 -4.05 27.66
C ASN A 506 12.76 -4.17 27.76
N ASN A 507 13.27 -5.41 27.74
CA ASN A 507 14.71 -5.61 27.79
C ASN A 507 15.41 -4.94 26.61
N LYS A 508 14.77 -4.97 25.44
CA LYS A 508 15.32 -4.25 24.28
C LYS A 508 15.27 -2.75 24.50
N LEU A 509 14.10 -2.24 24.90
CA LEU A 509 13.93 -0.80 25.06
C LEU A 509 14.81 -0.24 26.17
N GLU A 510 15.05 -1.02 27.22
CA GLU A 510 15.89 -0.55 28.32
C GLU A 510 17.35 -0.41 27.91
N GLY A 511 17.75 -0.96 26.77
CA GLY A 511 19.08 -0.73 26.25
C GLY A 511 19.30 0.65 25.66
N LEU A 512 18.22 1.40 25.40
CA LEU A 512 18.35 2.76 24.90
C LEU A 512 18.88 3.66 26.00
N THR A 513 20.14 4.09 25.87
CA THR A 513 20.77 4.91 26.91
C THR A 513 20.38 6.38 26.83
N LYS A 514 19.80 6.82 25.72
CA LYS A 514 19.35 8.21 25.56
C LYS A 514 17.86 8.17 25.26
N LYS A 515 17.06 8.16 26.33
CA LYS A 515 15.61 7.99 26.20
C LYS A 515 14.99 9.14 25.41
N ASP A 516 15.48 10.37 25.61
CA ASP A 516 14.92 11.52 24.91
C ASP A 516 15.21 11.50 23.41
N GLN A 517 16.12 10.65 22.95
CA GLN A 517 16.41 10.53 21.53
C GLN A 517 15.88 9.22 20.96
N ALA A 518 14.82 8.71 21.59
CA ALA A 518 14.00 7.64 21.03
C ALA A 518 12.54 8.08 21.14
N MET A 519 11.73 7.55 20.23
CA MET A 519 10.30 7.85 20.24
C MET A 519 9.56 6.62 19.73
N VAL A 520 8.67 6.07 20.54
CA VAL A 520 8.01 4.80 20.25
C VAL A 520 6.60 5.09 19.76
N LEU A 521 6.25 4.52 18.61
CA LEU A 521 4.89 4.58 18.08
C LEU A 521 4.09 3.42 18.67
N ASP A 522 3.18 3.72 19.59
CA ASP A 522 2.20 2.73 20.01
C ASP A 522 1.25 2.51 18.84
N LEU A 523 1.42 1.39 18.13
CA LEU A 523 0.86 1.26 16.79
C LEU A 523 -0.64 1.04 16.77
N PHE A 524 -1.21 0.47 17.83
CA PHE A 524 -2.58 -0.04 17.82
C PHE A 524 -3.35 0.47 19.03
N SER A 525 -3.25 1.77 19.30
CA SER A 525 -3.74 2.31 20.57
C SER A 525 -5.26 2.29 20.68
N GLU A 526 -5.99 2.24 19.57
CA GLU A 526 -7.45 2.29 19.62
C GLU A 526 -8.08 0.91 19.77
N VAL A 527 -7.29 -0.16 19.78
CA VAL A 527 -7.83 -1.51 19.95
C VAL A 527 -7.04 -2.25 21.01
N SER A 528 -5.71 -2.18 20.93
CA SER A 528 -4.82 -2.90 21.84
C SER A 528 -3.70 -1.95 22.29
N PRO A 529 -4.01 -0.95 23.11
CA PRO A 529 -2.98 0.00 23.52
C PRO A 529 -1.90 -0.68 24.36
N ASP A 530 -0.68 -0.16 24.25
CA ASP A 530 0.48 -0.79 24.88
C ASP A 530 1.52 0.28 25.23
N TRP A 531 1.05 1.43 25.70
CA TRP A 531 1.95 2.55 26.01
C TRP A 531 2.32 2.65 27.48
N ASN A 532 1.67 1.89 28.36
CA ASN A 532 2.02 1.95 29.78
C ASN A 532 3.47 1.54 30.00
N ARG A 533 3.92 0.47 29.34
CA ARG A 533 5.31 0.03 29.47
C ARG A 533 6.28 1.07 28.95
N LEU A 534 5.87 1.84 27.93
CA LEU A 534 6.74 2.91 27.43
C LEU A 534 6.75 4.09 28.40
N GLU A 535 5.57 4.50 28.87
CA GLU A 535 5.49 5.60 29.83
C GLU A 535 6.26 5.28 31.11
N GLU A 536 6.15 4.04 31.58
CA GLU A 536 6.86 3.64 32.79
C GLU A 536 8.37 3.79 32.65
N ARG A 537 8.90 3.60 31.43
CA ARG A 537 10.33 3.67 31.18
C ARG A 537 10.76 5.03 30.65
N ASP A 538 9.93 6.06 30.82
CA ASP A 538 10.27 7.44 30.45
C ASP A 538 10.65 7.56 28.98
N LEU A 539 9.96 6.80 28.13
CA LEU A 539 10.22 6.85 26.69
C LEU A 539 9.17 7.72 26.02
N PRO A 540 9.57 8.75 25.27
CA PRO A 540 8.59 9.51 24.48
C PRO A 540 7.84 8.56 23.54
N TRP A 541 6.52 8.75 23.48
CA TRP A 541 5.69 7.83 22.72
C TRP A 541 4.53 8.58 22.08
N ILE A 542 3.95 7.96 21.05
CA ILE A 542 2.85 8.54 20.28
C ILE A 542 1.68 7.58 20.30
N TRP A 543 0.49 8.12 20.59
CA TRP A 543 -0.76 7.37 20.58
C TRP A 543 -1.28 7.30 19.15
N ASN A 544 -1.43 6.09 18.59
CA ASN A 544 -1.77 5.94 17.18
C ASN A 544 -3.02 5.11 16.98
N MET A 545 -3.86 5.55 16.04
CA MET A 545 -4.96 4.75 15.54
C MET A 545 -4.49 3.99 14.30
N LEU A 546 -4.53 2.65 14.36
CA LEU A 546 -4.18 1.84 13.21
C LEU A 546 -5.38 1.68 12.27
N HIS A 547 -6.46 1.11 12.78
CA HIS A 547 -7.76 1.03 12.11
C HIS A 547 -7.78 0.11 10.89
N ASN A 548 -6.92 0.38 9.90
CA ASN A 548 -7.00 -0.27 8.60
C ASN A 548 -5.90 -1.32 8.48
N PHE A 549 -6.30 -2.55 8.11
CA PHE A 549 -5.38 -3.65 7.86
C PHE A 549 -5.50 -4.07 6.41
N GLY A 550 -4.39 -4.04 5.68
CA GLY A 550 -4.30 -4.55 4.33
C GLY A 550 -5.21 -3.89 3.30
N GLY A 551 -5.77 -2.74 3.65
CA GLY A 551 -6.74 -2.13 2.77
C GLY A 551 -8.08 -2.83 2.74
N ARG A 552 -8.30 -3.80 3.62
CA ARG A 552 -9.58 -4.51 3.67
C ARG A 552 -10.68 -3.54 4.08
N MET A 553 -11.81 -3.65 3.40
CA MET A 553 -12.85 -2.64 3.46
C MET A 553 -14.04 -3.12 4.28
N GLY A 554 -14.87 -2.17 4.65
CA GLY A 554 -16.03 -2.41 5.49
C GLY A 554 -16.24 -1.27 6.46
N MET A 555 -17.47 -1.15 6.94
CA MET A 555 -17.79 -0.11 7.92
C MET A 555 -17.22 -0.48 9.27
N ASP A 556 -16.26 0.32 9.75
CA ASP A 556 -15.53 0.01 10.97
C ASP A 556 -14.80 1.25 11.46
N ALA A 557 -15.05 1.65 12.70
CA ALA A 557 -14.38 2.79 13.31
C ALA A 557 -14.67 2.78 14.79
N ALA A 558 -13.81 3.47 15.56
CA ALA A 558 -13.93 3.57 17.00
C ALA A 558 -14.01 5.04 17.42
N PRO A 559 -15.06 5.77 17.00
CA PRO A 559 -15.09 7.21 17.30
C PRO A 559 -15.16 7.53 18.78
N GLU A 560 -15.89 6.74 19.58
CA GLU A 560 -16.00 7.04 21.00
C GLU A 560 -14.66 6.91 21.71
N LYS A 561 -13.88 5.87 21.36
CA LYS A 561 -12.55 5.73 21.94
C LYS A 561 -11.65 6.89 21.56
N LEU A 562 -11.73 7.33 20.30
CA LEU A 562 -10.91 8.46 19.87
C LEU A 562 -11.27 9.73 20.64
N ALA A 563 -12.57 9.94 20.88
CA ALA A 563 -13.04 11.16 21.53
C ALA A 563 -12.78 11.19 23.03
N THR A 564 -12.45 10.06 23.64
CA THR A 564 -12.27 9.99 25.09
C THR A 564 -10.91 9.45 25.51
N GLU A 565 -10.41 8.40 24.87
CA GLU A 565 -9.18 7.77 25.34
C GLU A 565 -7.95 8.62 25.07
N ILE A 566 -7.99 9.46 24.03
CA ILE A 566 -6.82 10.27 23.67
C ILE A 566 -6.58 11.35 24.71
N PRO A 567 -7.56 12.19 25.07
CA PRO A 567 -7.29 13.16 26.14
C PRO A 567 -7.11 12.51 27.49
N LYS A 568 -7.74 11.37 27.74
CA LYS A 568 -7.52 10.65 28.98
C LYS A 568 -6.06 10.20 29.09
N ALA A 569 -5.49 9.71 27.98
CA ALA A 569 -4.09 9.31 27.99
C ALA A 569 -3.18 10.51 28.24
N LEU A 570 -3.50 11.66 27.64
CA LEU A 570 -2.69 12.86 27.86
C LEU A 570 -2.74 13.28 29.32
N ALA A 571 -3.91 13.18 29.96
CA ALA A 571 -4.04 13.57 31.35
C ALA A 571 -3.37 12.59 32.30
N ASN A 572 -3.14 11.35 31.86
CA ASN A 572 -2.58 10.31 32.71
C ASN A 572 -1.18 9.88 32.28
N SER A 573 -0.39 10.83 31.77
CA SER A 573 0.95 10.50 31.29
C SER A 573 1.82 11.75 31.30
N GLU A 574 3.13 11.53 31.23
CA GLU A 574 4.11 12.60 31.15
C GLU A 574 4.94 12.57 29.88
N HIS A 575 4.99 11.45 29.16
CA HIS A 575 5.85 11.30 28.00
C HIS A 575 5.07 11.04 26.72
N MET A 576 3.78 11.35 26.70
CA MET A 576 2.98 11.29 25.48
C MET A 576 3.26 12.55 24.68
N VAL A 577 4.01 12.41 23.58
CA VAL A 577 4.48 13.56 22.81
C VAL A 577 3.71 13.73 21.51
N GLY A 578 2.67 12.93 21.29
CA GLY A 578 1.85 13.16 20.11
C GLY A 578 0.83 12.06 19.88
N ILE A 579 0.03 12.28 18.83
CA ILE A 579 -0.92 11.31 18.33
C ILE A 579 -0.66 11.12 16.84
N GLY A 580 -1.30 10.11 16.26
CA GLY A 580 -1.07 9.87 14.84
C GLY A 580 -1.92 8.73 14.32
N ILE A 581 -1.73 8.46 13.03
CA ILE A 581 -2.38 7.35 12.35
C ILE A 581 -1.31 6.41 11.82
N THR A 582 -1.57 5.11 11.92
CA THR A 582 -0.64 4.10 11.43
C THR A 582 -1.36 3.08 10.53
N PRO A 583 -2.22 3.52 9.61
CA PRO A 583 -3.01 2.54 8.86
C PRO A 583 -2.16 1.83 7.82
N GLU A 584 -2.45 0.54 7.62
CA GLU A 584 -1.78 -0.19 6.57
C GLU A 584 -2.24 0.27 5.19
N ALA A 585 -3.36 0.97 5.13
CA ALA A 585 -3.83 1.61 3.90
C ALA A 585 -4.76 2.74 4.28
N ILE A 586 -4.82 3.76 3.41
CA ILE A 586 -5.74 4.86 3.60
C ILE A 586 -6.79 4.79 2.50
N ASN A 587 -7.84 4.01 2.72
CA ASN A 587 -8.89 3.87 1.71
C ASN A 587 -10.29 3.70 2.27
N THR A 588 -10.48 3.63 3.59
CA THR A 588 -11.80 3.38 4.15
C THR A 588 -12.07 4.30 5.33
N ASN A 589 -13.36 4.46 5.65
CA ASN A 589 -13.89 5.10 6.83
C ASN A 589 -13.24 6.45 7.11
N PRO A 590 -13.49 7.47 6.28
CA PRO A 590 -12.86 8.77 6.50
C PRO A 590 -13.21 9.42 7.83
N LEU A 591 -14.36 9.08 8.42
CA LEU A 591 -14.72 9.65 9.72
C LEU A 591 -13.65 9.38 10.76
N ALA A 592 -13.09 8.17 10.76
CA ALA A 592 -12.11 7.80 11.77
C ALA A 592 -10.87 8.68 11.71
N TYR A 593 -10.38 8.96 10.51
CA TYR A 593 -9.16 9.74 10.37
C TYR A 593 -9.40 11.22 10.58
N GLU A 594 -10.59 11.72 10.19
CA GLU A 594 -10.94 13.09 10.47
C GLU A 594 -11.02 13.33 11.98
N LEU A 595 -11.65 12.42 12.70
CA LEU A 595 -11.81 12.59 14.15
C LEU A 595 -10.48 12.46 14.88
N LEU A 596 -9.62 11.53 14.45
CA LEU A 596 -8.35 11.36 15.14
C LEU A 596 -7.55 12.65 15.13
N PHE A 597 -7.30 13.21 13.95
CA PHE A 597 -6.47 14.40 13.88
C PHE A 597 -7.17 15.60 14.51
N ASP A 598 -8.50 15.60 14.53
CA ASP A 598 -9.23 16.65 15.25
C ASP A 598 -8.97 16.58 16.74
N MET A 599 -8.64 15.40 17.27
CA MET A 599 -8.36 15.24 18.69
CA MET A 599 -8.37 15.27 18.70
C MET A 599 -7.05 15.86 19.11
N ALA A 600 -6.22 16.32 18.17
CA ALA A 600 -4.99 16.99 18.53
C ALA A 600 -5.24 18.38 19.12
N TRP A 601 -6.39 18.99 18.80
CA TRP A 601 -6.67 20.37 19.15
C TRP A 601 -7.54 20.51 20.39
N THR A 602 -7.50 19.53 21.29
CA THR A 602 -8.26 19.61 22.53
C THR A 602 -7.52 18.87 23.62
N ARG A 603 -7.70 19.33 24.86
CA ARG A 603 -7.23 18.63 26.04
C ARG A 603 -8.36 17.94 26.79
N ASP A 604 -9.60 18.13 26.37
CA ASP A 604 -10.76 17.56 27.02
C ASP A 604 -11.38 16.50 26.12
N GLN A 605 -12.06 15.55 26.75
CA GLN A 605 -12.90 14.63 26.01
C GLN A 605 -14.03 15.39 25.33
N ILE A 606 -14.45 14.90 24.16
CA ILE A 606 -15.54 15.52 23.42
C ILE A 606 -16.64 14.48 23.23
N ASN A 607 -17.78 14.94 22.72
CA ASN A 607 -18.94 14.10 22.45
C ASN A 607 -18.84 13.60 21.01
N PHE A 608 -18.55 12.31 20.84
CA PHE A 608 -18.38 11.78 19.50
C PHE A 608 -19.68 11.80 18.71
N ARG A 609 -20.83 11.79 19.39
CA ARG A 609 -22.11 11.85 18.69
C ARG A 609 -22.33 13.21 18.05
N THR A 610 -22.19 14.29 18.85
CA THR A 610 -22.38 15.62 18.30
C THR A 610 -21.28 15.99 17.32
N TRP A 611 -20.08 15.47 17.52
CA TRP A 611 -19.02 15.65 16.53
C TRP A 611 -19.43 15.05 15.19
N THR A 612 -19.96 13.82 15.22
CA THR A 612 -20.40 13.16 13.99
C THR A 612 -21.51 13.96 13.32
N GLU A 613 -22.43 14.52 14.10
CA GLU A 613 -23.52 15.31 13.53
C GLU A 613 -22.97 16.51 12.75
N ASP A 614 -21.98 17.20 13.32
CA ASP A 614 -21.36 18.32 12.61
C ASP A 614 -20.57 17.84 11.40
N TYR A 615 -19.91 16.69 11.53
CA TYR A 615 -19.05 16.18 10.45
C TYR A 615 -19.86 15.86 9.20
N ILE A 616 -20.98 15.14 9.36
CA ILE A 616 -21.74 14.71 8.19
C ILE A 616 -22.38 15.89 7.48
N GLU A 617 -22.67 16.98 8.21
CA GLU A 617 -23.28 18.14 7.56
C GLU A 617 -22.31 18.83 6.61
N ARG A 618 -21.06 19.00 7.03
CA ARG A 618 -20.09 19.61 6.13
C ARG A 618 -19.57 18.63 5.09
N ARG A 619 -19.63 17.33 5.38
CA ARG A 619 -19.20 16.32 4.40
C ARG A 619 -20.18 16.26 3.23
N TYR A 620 -21.48 16.38 3.50
CA TYR A 620 -22.50 16.33 2.46
C TYR A 620 -22.92 17.70 1.97
N GLY A 621 -22.49 18.78 2.64
CA GLY A 621 -22.95 20.11 2.33
C GLY A 621 -24.35 20.43 2.82
N LYS A 622 -25.02 19.48 3.48
CA LYS A 622 -26.38 19.66 3.98
C LYS A 622 -26.67 18.47 4.89
N THR A 623 -27.80 18.56 5.58
CA THR A 623 -28.23 17.50 6.47
C THR A 623 -29.72 17.67 6.77
N ASN A 624 -30.32 16.62 7.30
CA ASN A 624 -31.69 16.69 7.82
C ASN A 624 -31.83 15.66 8.94
N LYS A 625 -33.05 15.54 9.45
CA LYS A 625 -33.28 14.65 10.59
C LYS A 625 -33.11 13.18 10.23
N GLU A 626 -33.48 12.80 9.01
CA GLU A 626 -33.37 11.40 8.62
C GLU A 626 -31.93 10.99 8.39
N ILE A 627 -31.15 11.85 7.72
CA ILE A 627 -29.72 11.56 7.52
C ILE A 627 -29.02 11.45 8.86
N LEU A 628 -29.33 12.33 9.79
CA LEU A 628 -28.77 12.23 11.14
C LEU A 628 -29.21 10.95 11.83
N GLU A 629 -30.48 10.56 11.63
CA GLU A 629 -30.97 9.31 12.20
C GLU A 629 -30.20 8.11 11.66
N ALA A 630 -29.90 8.13 10.36
CA ALA A 630 -29.16 7.01 9.76
C ALA A 630 -27.75 6.92 10.31
N TRP A 631 -27.07 8.06 10.51
CA TRP A 631 -25.71 8.02 11.02
C TRP A 631 -25.68 7.64 12.49
N ASN A 632 -26.70 8.00 13.26
CA ASN A 632 -26.80 7.50 14.62
C ASN A 632 -26.99 5.99 14.65
N ILE A 633 -27.68 5.44 13.65
CA ILE A 633 -27.77 3.98 13.51
C ILE A 633 -26.39 3.41 13.24
N ILE A 634 -25.62 4.05 12.36
CA ILE A 634 -24.26 3.60 12.09
C ILE A 634 -23.42 3.66 13.35
N LEU A 635 -23.53 4.76 14.10
CA LEU A 635 -22.83 4.89 15.37
C LEU A 635 -23.27 3.82 16.36
N ASP A 636 -24.55 3.43 16.33
CA ASP A 636 -25.06 2.42 17.24
C ASP A 636 -24.79 1.00 16.76
N THR A 637 -24.32 0.83 15.52
CA THR A 637 -24.06 -0.51 14.99
C THR A 637 -22.60 -0.68 14.59
N ALA A 638 -22.26 -0.29 13.36
CA ALA A 638 -20.94 -0.59 12.82
C ALA A 638 -19.83 0.21 13.52
N TYR A 639 -20.14 1.41 13.98
CA TYR A 639 -19.15 2.27 14.63
C TYR A 639 -19.25 2.21 16.15
N LYS A 640 -20.05 1.31 16.69
CA LYS A 640 -20.23 1.24 18.14
C LYS A 640 -18.94 0.76 18.81
N LYS A 641 -18.65 1.35 19.97
CA LYS A 641 -17.47 0.96 20.74
C LYS A 641 -17.50 -0.53 21.05
N ARG A 642 -16.34 -1.17 20.93
CA ARG A 642 -16.17 -2.56 21.30
C ARG A 642 -14.89 -2.71 22.11
N ASN A 643 -14.80 -3.81 22.84
CA ASN A 643 -13.69 -4.03 23.78
C ASN A 643 -12.93 -5.31 23.49
N ASP A 644 -13.14 -5.95 22.36
CA ASP A 644 -12.43 -7.16 21.99
C ASP A 644 -11.24 -6.83 21.10
N TYR A 645 -10.49 -7.85 20.73
CA TYR A 645 -9.34 -7.69 19.84
C TYR A 645 -9.73 -8.11 18.43
N TYR A 646 -9.35 -7.29 17.45
CA TYR A 646 -9.71 -7.52 16.05
C TYR A 646 -8.79 -6.68 15.18
N GLN A 647 -8.48 -7.22 13.99
CA GLN A 647 -7.61 -6.56 13.03
C GLN A 647 -8.44 -6.13 11.82
N GLY A 648 -8.89 -4.88 11.83
CA GLY A 648 -9.58 -4.32 10.68
C GLY A 648 -11.07 -4.61 10.67
N ALA A 649 -11.70 -4.18 9.58
CA ALA A 649 -13.13 -4.37 9.41
C ALA A 649 -13.47 -5.83 9.19
N ALA A 650 -14.65 -6.23 9.67
CA ALA A 650 -15.13 -7.59 9.44
C ALA A 650 -15.17 -7.88 7.95
N GLU A 651 -14.59 -9.01 7.56
CA GLU A 651 -14.36 -9.30 6.16
C GLU A 651 -15.60 -9.85 5.48
N SER A 652 -15.76 -9.52 4.21
CA SER A 652 -16.87 -10.00 3.42
C SER A 652 -16.63 -11.45 2.99
N ILE A 653 -17.65 -12.29 3.18
CA ILE A 653 -17.55 -13.69 2.77
C ILE A 653 -17.36 -13.81 1.26
N ILE A 654 -17.82 -12.81 0.51
CA ILE A 654 -17.64 -12.80 -0.93
C ILE A 654 -16.16 -12.91 -1.29
N ASN A 655 -15.29 -12.32 -0.48
CA ASN A 655 -13.86 -12.26 -0.77
C ASN A 655 -13.07 -13.43 -0.20
N ALA A 656 -13.73 -14.38 0.46
CA ALA A 656 -13.04 -15.52 1.04
C ALA A 656 -12.93 -16.67 0.05
N ARG A 657 -11.85 -17.43 0.18
CA ARG A 657 -11.74 -18.68 -0.55
C ARG A 657 -12.91 -19.58 -0.19
N PRO A 658 -13.68 -20.06 -1.16
CA PRO A 658 -14.86 -20.86 -0.82
C PRO A 658 -14.50 -22.13 -0.06
N GLY A 659 -15.41 -22.54 0.81
CA GLY A 659 -15.18 -23.67 1.67
C GLY A 659 -16.24 -23.74 2.74
N PHE A 660 -16.05 -24.66 3.67
CA PHE A 660 -17.00 -24.89 4.76
C PHE A 660 -16.50 -24.26 6.05
N GLY A 661 -17.42 -23.71 6.83
CA GLY A 661 -17.07 -23.12 8.11
C GLY A 661 -16.14 -21.94 8.02
N ILE A 662 -16.25 -21.14 6.97
CA ILE A 662 -15.40 -19.97 6.81
C ILE A 662 -15.73 -18.95 7.90
N LYS A 663 -14.68 -18.41 8.53
CA LYS A 663 -14.86 -17.37 9.55
C LYS A 663 -14.04 -16.13 9.25
N SER A 664 -13.38 -16.06 8.10
CA SER A 664 -12.61 -14.89 7.65
C SER A 664 -12.09 -15.18 6.25
N ALA A 665 -11.68 -14.12 5.56
CA ALA A 665 -11.03 -14.26 4.26
C ALA A 665 -9.51 -14.31 4.39
N SER A 666 -8.94 -13.47 5.26
CA SER A 666 -7.52 -13.46 5.52
C SER A 666 -7.20 -14.28 6.78
N THR A 667 -5.93 -14.61 6.94
CA THR A 667 -5.52 -15.52 8.01
C THR A 667 -5.74 -14.90 9.39
N TRP A 668 -5.43 -13.63 9.56
CA TRP A 668 -5.54 -12.96 10.85
C TRP A 668 -6.74 -12.02 10.93
N GLY A 669 -7.70 -12.18 10.02
CA GLY A 669 -8.89 -11.36 10.01
C GLY A 669 -10.05 -12.00 10.76
N HIS A 670 -11.23 -11.43 10.54
CA HIS A 670 -12.44 -11.89 11.20
C HIS A 670 -13.63 -11.50 10.32
N SER A 671 -14.69 -12.32 10.38
CA SER A 671 -15.90 -12.04 9.63
C SER A 671 -17.13 -11.93 10.52
N LYS A 672 -16.99 -12.06 11.83
CA LYS A 672 -18.12 -11.96 12.74
C LYS A 672 -18.63 -10.53 12.78
N ILE A 673 -19.92 -10.36 12.50
CA ILE A 673 -20.56 -9.04 12.56
C ILE A 673 -21.12 -8.87 13.97
N VAL A 674 -20.58 -7.88 14.70
CA VAL A 674 -20.87 -7.74 16.12
C VAL A 674 -22.10 -6.89 16.40
N TYR A 675 -22.78 -6.41 15.36
CA TYR A 675 -24.01 -5.64 15.52
C TYR A 675 -25.17 -6.37 14.84
N ASP A 676 -26.38 -5.89 15.10
CA ASP A 676 -27.56 -6.47 14.47
C ASP A 676 -27.63 -6.02 13.01
N LYS A 677 -27.68 -7.00 12.10
CA LYS A 677 -27.61 -6.68 10.68
C LYS A 677 -28.87 -5.97 10.20
N SER A 678 -30.05 -6.43 10.62
CA SER A 678 -31.29 -5.80 10.19
C SER A 678 -31.40 -4.37 10.71
N GLU A 679 -30.85 -4.11 11.89
CA GLU A 679 -30.80 -2.74 12.40
C GLU A 679 -29.94 -1.86 11.51
N PHE A 680 -28.76 -2.37 11.11
CA PHE A 680 -27.89 -1.61 10.22
C PHE A 680 -28.55 -1.36 8.88
N GLU A 681 -29.37 -2.29 8.39
CA GLU A 681 -30.05 -2.11 7.12
C GLU A 681 -30.98 -0.90 7.13
N LYS A 682 -31.44 -0.46 8.31
CA LYS A 682 -32.28 0.73 8.37
C LYS A 682 -31.54 1.96 7.87
N ALA A 683 -30.22 2.03 8.09
CA ALA A 683 -29.45 3.15 7.57
C ALA A 683 -29.47 3.19 6.05
N ILE A 684 -29.44 2.02 5.41
CA ILE A 684 -29.51 1.97 3.95
C ILE A 684 -30.87 2.44 3.46
N GLU A 685 -31.95 2.01 4.15
CA GLU A 685 -33.29 2.48 3.79
C GLU A 685 -33.38 4.00 3.83
N ILE A 686 -32.81 4.61 4.87
CA ILE A 686 -32.88 6.06 5.01
C ILE A 686 -32.10 6.74 3.89
N PHE A 687 -30.88 6.23 3.60
CA PHE A 687 -30.10 6.80 2.52
C PHE A 687 -30.83 6.72 1.19
N ALA A 688 -31.45 5.57 0.91
CA ALA A 688 -32.22 5.43 -0.33
C ALA A 688 -33.38 6.41 -0.38
N LYS A 689 -34.07 6.59 0.76
CA LYS A 689 -35.18 7.53 0.83
C LYS A 689 -34.74 8.96 0.53
N ASN A 690 -33.50 9.30 0.89
CA ASN A 690 -32.98 10.66 0.70
C ASN A 690 -32.01 10.75 -0.47
N TYR A 691 -31.95 9.72 -1.33
CA TYR A 691 -30.96 9.69 -2.40
C TYR A 691 -31.09 10.89 -3.32
N ASP A 692 -32.31 11.16 -3.81
CA ASP A 692 -32.49 12.20 -4.81
C ASP A 692 -32.09 13.57 -4.28
N GLU A 693 -32.29 13.83 -2.99
CA GLU A 693 -31.97 15.13 -2.44
C GLU A 693 -30.46 15.30 -2.25
N PHE A 694 -29.77 14.23 -1.88
CA PHE A 694 -28.36 14.29 -1.53
C PHE A 694 -27.43 13.81 -2.63
N LYS A 695 -27.97 13.36 -3.77
CA LYS A 695 -27.13 12.76 -4.80
C LYS A 695 -26.17 13.75 -5.43
N ASP A 696 -26.39 15.07 -5.23
CA ASP A 696 -25.45 16.06 -5.71
C ASP A 696 -24.18 16.13 -4.88
N SER A 697 -24.10 15.37 -3.79
CA SER A 697 -22.92 15.33 -2.94
C SER A 697 -22.15 14.06 -3.21
N ASP A 698 -20.93 14.20 -3.73
CA ASP A 698 -20.11 13.03 -4.05
C ASP A 698 -19.75 12.25 -2.80
N ALA A 699 -19.52 12.95 -1.69
CA ALA A 699 -19.23 12.26 -0.43
C ALA A 699 -20.43 11.47 0.06
N PHE A 700 -21.64 11.96 -0.18
CA PHE A 700 -22.83 11.18 0.16
C PHE A 700 -22.90 9.91 -0.68
N LEU A 701 -22.61 10.02 -1.98
CA LEU A 701 -22.58 8.83 -2.82
C LEU A 701 -21.49 7.86 -2.38
N TYR A 702 -20.33 8.39 -2.00
CA TYR A 702 -19.25 7.57 -1.45
C TYR A 702 -19.74 6.79 -0.24
N ASP A 703 -20.38 7.48 0.71
CA ASP A 703 -20.83 6.81 1.93
C ASP A 703 -21.99 5.86 1.64
N PHE A 704 -22.88 6.21 0.72
CA PHE A 704 -23.98 5.34 0.35
C PHE A 704 -23.46 4.01 -0.20
N ALA A 705 -22.51 4.08 -1.14
CA ALA A 705 -21.90 2.86 -1.65
C ALA A 705 -21.22 2.08 -0.53
N ASP A 706 -20.63 2.78 0.44
CA ASP A 706 -19.94 2.11 1.53
C ASP A 706 -20.89 1.29 2.38
N ILE A 707 -22.04 1.86 2.74
CA ILE A 707 -22.96 1.13 3.61
C ILE A 707 -23.79 0.12 2.82
N LEU A 708 -24.07 0.41 1.55
CA LEU A 708 -24.83 -0.55 0.74
C LEU A 708 -24.02 -1.81 0.45
N LYS A 709 -22.72 -1.65 0.17
CA LYS A 709 -21.89 -2.83 -0.02
C LYS A 709 -21.68 -3.57 1.30
N GLN A 710 -21.72 -2.85 2.42
CA GLN A 710 -21.69 -3.53 3.72
C GLN A 710 -22.96 -4.34 3.94
N LEU A 711 -24.11 -3.81 3.51
CA LEU A 711 -25.36 -4.56 3.62
C LEU A 711 -25.27 -5.87 2.86
N LEU A 712 -24.84 -5.81 1.60
CA LEU A 712 -24.78 -7.02 0.78
C LEU A 712 -23.72 -7.99 1.29
N ALA A 713 -22.62 -7.48 1.85
CA ALA A 713 -21.65 -8.36 2.50
C ALA A 713 -22.25 -9.06 3.70
N ASN A 714 -23.02 -8.32 4.51
CA ASN A 714 -23.63 -8.92 5.69
C ASN A 714 -24.66 -9.98 5.31
N SER A 715 -25.48 -9.69 4.30
CA SER A 715 -26.52 -10.64 3.91
C SER A 715 -25.92 -11.85 3.18
N ALA A 716 -24.85 -11.65 2.41
CA ALA A 716 -24.20 -12.77 1.75
C ALA A 716 -23.72 -13.79 2.77
N GLN A 717 -23.23 -13.33 3.92
CA GLN A 717 -22.80 -14.24 4.97
C GLN A 717 -23.96 -15.12 5.45
N GLU A 718 -25.15 -14.53 5.58
CA GLU A 718 -26.31 -15.31 5.98
C GLU A 718 -26.71 -16.31 4.90
N TYR A 719 -26.76 -15.85 3.65
CA TYR A 719 -27.10 -16.74 2.54
C TYR A 719 -26.08 -17.86 2.39
N TYR A 720 -24.82 -17.61 2.76
CA TYR A 720 -23.80 -18.64 2.70
C TYR A 720 -24.05 -19.71 3.76
N GLU A 721 -24.48 -19.31 4.95
CA GLU A 721 -24.79 -20.28 6.00
C GLU A 721 -25.96 -21.17 5.59
N VAL A 722 -26.95 -20.60 4.89
CA VAL A 722 -28.12 -21.37 4.50
C VAL A 722 -27.76 -22.42 3.46
N MET A 723 -27.01 -22.03 2.43
CA MET A 723 -26.61 -23.00 1.41
C MET A 723 -25.59 -24.00 1.93
N CYS A 724 -24.91 -23.68 3.03
CA CYS A 724 -24.05 -24.67 3.68
C CYS A 724 -24.88 -25.72 4.39
N ASN A 725 -25.99 -25.31 5.02
CA ASN A 725 -26.90 -26.27 5.64
C ASN A 725 -27.59 -27.12 4.58
N ALA A 726 -27.96 -26.51 3.46
CA ALA A 726 -28.64 -27.25 2.40
C ALA A 726 -27.75 -28.37 1.86
N TYR A 727 -26.44 -28.13 1.75
CA TYR A 727 -25.52 -29.17 1.31
C TYR A 727 -25.40 -30.26 2.36
N ASN A 728 -25.18 -29.88 3.62
CA ASN A 728 -25.03 -30.85 4.69
C ASN A 728 -26.29 -31.69 4.89
N ASN A 729 -27.45 -31.17 4.51
CA ASN A 729 -28.70 -31.92 4.58
C ASN A 729 -29.01 -32.68 3.30
N GLY A 730 -28.13 -32.60 2.29
CA GLY A 730 -28.38 -33.30 1.05
C GLY A 730 -29.50 -32.74 0.21
N ASN A 731 -29.91 -31.50 0.46
CA ASN A 731 -31.03 -30.88 -0.25
C ASN A 731 -30.48 -30.18 -1.49
N GLY A 732 -30.37 -30.92 -2.58
CA GLY A 732 -29.83 -30.35 -3.81
C GLY A 732 -30.69 -29.25 -4.38
N GLU A 733 -32.01 -29.41 -4.32
CA GLU A 733 -32.91 -28.40 -4.85
C GLU A 733 -32.82 -27.09 -4.06
N LYS A 734 -32.71 -27.20 -2.73
CA LYS A 734 -32.58 -25.99 -1.92
C LYS A 734 -31.21 -25.36 -2.10
N PHE A 735 -30.16 -26.17 -2.24
CA PHE A 735 -28.82 -25.62 -2.48
C PHE A 735 -28.78 -24.88 -3.80
N LYS A 736 -29.42 -25.43 -4.85
CA LYS A 736 -29.43 -24.76 -6.14
C LYS A 736 -30.10 -23.40 -6.06
N PHE A 737 -31.18 -23.30 -5.28
CA PHE A 737 -31.91 -22.03 -5.19
C PHE A 737 -31.16 -21.01 -4.33
N VAL A 738 -30.68 -21.43 -3.16
CA VAL A 738 -30.00 -20.50 -2.27
C VAL A 738 -28.67 -20.06 -2.87
N SER A 739 -27.92 -20.99 -3.47
CA SER A 739 -26.66 -20.62 -4.11
C SER A 739 -26.88 -19.74 -5.33
N GLY A 740 -28.00 -19.92 -6.04
CA GLY A 740 -28.31 -19.04 -7.14
C GLY A 740 -28.55 -17.61 -6.70
N LYS A 741 -29.23 -17.44 -5.57
CA LYS A 741 -29.41 -16.10 -5.01
C LYS A 741 -28.10 -15.54 -4.49
N PHE A 742 -27.25 -16.40 -3.94
CA PHE A 742 -25.93 -15.97 -3.48
C PHE A 742 -25.11 -15.39 -4.63
N LEU A 743 -25.08 -16.10 -5.76
CA LEU A 743 -24.34 -15.61 -6.92
C LEU A 743 -24.98 -14.36 -7.50
N GLU A 744 -26.32 -14.28 -7.47
CA GLU A 744 -26.99 -13.08 -7.93
C GLU A 744 -26.69 -11.90 -7.01
N LEU A 745 -26.60 -12.15 -5.71
CA LEU A 745 -26.22 -11.10 -4.75
C LEU A 745 -24.85 -10.53 -5.10
N ILE A 746 -23.90 -11.39 -5.48
CA ILE A 746 -22.57 -10.92 -5.83
C ILE A 746 -22.62 -10.08 -7.10
N LYS A 747 -23.44 -10.48 -8.08
CA LYS A 747 -23.61 -9.68 -9.28
C LYS A 747 -24.12 -8.28 -8.95
N LEU A 748 -25.07 -8.19 -8.00
CA LEU A 748 -25.55 -6.88 -7.57
C LEU A 748 -24.45 -6.11 -6.85
N GLN A 749 -23.65 -6.80 -6.04
CA GLN A 749 -22.54 -6.15 -5.34
C GLN A 749 -21.55 -5.56 -6.33
N GLU A 750 -21.24 -6.27 -7.41
CA GLU A 750 -20.34 -5.74 -8.43
C GLU A 750 -20.90 -4.47 -9.05
N ARG A 751 -22.22 -4.41 -9.24
CA ARG A 751 -22.83 -3.19 -9.76
C ARG A 751 -22.69 -2.03 -8.78
N VAL A 752 -22.83 -2.31 -7.48
CA VAL A 752 -22.70 -1.26 -6.47
C VAL A 752 -21.27 -0.72 -6.47
N LEU A 753 -20.29 -1.62 -6.48
CA LEU A 753 -18.89 -1.21 -6.45
C LEU A 753 -18.53 -0.40 -7.69
N SER A 754 -19.19 -0.66 -8.82
CA SER A 754 -18.84 0.00 -10.08
C SER A 754 -19.13 1.50 -10.05
N THR A 755 -19.93 1.97 -9.11
CA THR A 755 -20.30 3.39 -9.06
C THR A 755 -19.20 4.28 -8.51
N ARG A 756 -18.15 3.72 -7.92
CA ARG A 756 -17.10 4.52 -7.30
C ARG A 756 -15.79 4.34 -8.05
N PRO A 757 -15.18 5.43 -8.53
CA PRO A 757 -13.82 5.30 -9.13
C PRO A 757 -12.80 4.74 -8.16
N GLU A 758 -12.99 4.95 -6.86
CA GLU A 758 -12.08 4.40 -5.86
C GLU A 758 -12.10 2.88 -5.80
N PHE A 759 -13.17 2.25 -6.29
CA PHE A 759 -13.33 0.80 -6.19
C PHE A 759 -13.00 0.08 -7.48
N LEU A 760 -12.41 0.76 -8.46
CA LEU A 760 -12.13 0.15 -9.76
C LEU A 760 -10.74 -0.48 -9.74
N ILE A 761 -10.68 -1.79 -10.01
CA ILE A 761 -9.39 -2.44 -10.15
C ILE A 761 -8.61 -1.84 -11.31
N GLY A 762 -9.32 -1.31 -12.32
CA GLY A 762 -8.66 -0.72 -13.47
C GLY A 762 -7.83 0.50 -13.13
N ASN A 763 -8.24 1.26 -12.11
CA ASN A 763 -7.45 2.41 -11.69
C ASN A 763 -6.18 1.98 -10.99
N TRP A 764 -6.28 0.97 -10.12
CA TRP A 764 -5.11 0.40 -9.45
C TRP A 764 -4.10 -0.12 -10.47
N ILE A 765 -4.57 -0.87 -11.46
CA ILE A 765 -3.67 -1.48 -12.43
C ILE A 765 -3.07 -0.44 -13.36
N GLU A 766 -3.89 0.49 -13.85
CA GLU A 766 -3.38 1.49 -14.79
C GLU A 766 -2.37 2.41 -14.12
N ASP A 767 -2.61 2.78 -12.86
CA ASP A 767 -1.61 3.56 -12.12
C ASP A 767 -0.27 2.82 -12.08
N ALA A 768 -0.30 1.51 -11.84
CA ALA A 768 0.93 0.73 -11.81
C ALA A 768 1.60 0.73 -13.17
N ARG A 769 0.82 0.56 -14.25
CA ARG A 769 1.40 0.45 -15.57
C ARG A 769 1.94 1.78 -16.09
N THR A 770 1.51 2.91 -15.53
CA THR A 770 1.88 4.22 -16.04
C THR A 770 2.64 5.08 -15.04
N MET A 771 3.10 4.51 -13.92
CA MET A 771 3.67 5.35 -12.87
C MET A 771 5.04 5.91 -13.24
N LEU A 772 5.73 5.29 -14.20
CA LEU A 772 6.94 5.85 -14.78
C LEU A 772 6.69 6.25 -16.22
N LYS A 773 7.47 7.20 -16.72
CA LYS A 773 7.35 7.65 -18.09
C LYS A 773 8.45 7.02 -18.94
N ASP A 774 8.10 6.67 -20.18
CA ASP A 774 9.03 6.08 -21.15
C ASP A 774 9.53 4.72 -20.68
N SER A 775 8.67 3.94 -20.04
CA SER A 775 9.00 2.58 -19.64
C SER A 775 8.59 1.60 -20.74
N ASP A 776 9.28 0.46 -20.77
CA ASP A 776 9.02 -0.53 -21.81
C ASP A 776 7.88 -1.46 -21.39
N ASP A 777 7.45 -2.31 -22.33
CA ASP A 777 6.38 -3.26 -22.06
C ASP A 777 6.75 -4.18 -20.90
N TRP A 778 8.02 -4.56 -20.81
CA TRP A 778 8.45 -5.46 -19.74
C TRP A 778 8.16 -4.85 -18.37
N THR A 779 8.53 -3.58 -18.18
CA THR A 779 8.32 -2.94 -16.89
C THR A 779 6.84 -2.77 -16.57
N LYS A 780 6.04 -2.42 -17.58
CA LYS A 780 4.61 -2.28 -17.36
C LYS A 780 3.97 -3.60 -16.95
N ASP A 781 4.33 -4.69 -17.64
CA ASP A 781 3.80 -6.00 -17.29
C ASP A 781 4.23 -6.42 -15.89
N LEU A 782 5.47 -6.12 -15.52
CA LEU A 782 5.96 -6.50 -14.20
C LEU A 782 5.29 -5.68 -13.10
N PHE A 783 5.04 -4.39 -13.37
CA PHE A 783 4.36 -3.56 -12.39
C PHE A 783 2.89 -3.97 -12.25
N GLU A 784 2.27 -4.40 -13.35
CA GLU A 784 0.92 -4.94 -13.25
C GLU A 784 0.89 -6.22 -12.43
N PHE A 785 1.93 -7.05 -12.55
CA PHE A 785 2.02 -8.24 -11.70
C PHE A 785 2.06 -7.84 -10.23
N ASN A 786 2.86 -6.84 -9.90
CA ASN A 786 2.89 -6.32 -8.53
C ASN A 786 1.50 -5.91 -8.07
N ALA A 787 0.78 -5.18 -8.92
CA ALA A 787 -0.54 -4.67 -8.54
C ALA A 787 -1.55 -5.78 -8.36
N ARG A 788 -1.56 -6.76 -9.28
CA ARG A 788 -2.53 -7.84 -9.18
C ARG A 788 -2.23 -8.78 -8.03
N ALA A 789 -0.95 -9.10 -7.82
CA ALA A 789 -0.60 -10.07 -6.79
C ALA A 789 -0.89 -9.54 -5.39
N LEU A 790 -0.60 -8.26 -5.13
CA LEU A 790 -0.68 -7.74 -3.78
C LEU A 790 -2.11 -7.84 -3.22
N VAL A 791 -3.12 -7.61 -4.05
CA VAL A 791 -4.50 -7.64 -3.58
C VAL A 791 -5.14 -9.02 -3.67
N THR A 792 -4.39 -10.03 -4.11
CA THR A 792 -4.93 -11.39 -4.17
C THR A 792 -4.01 -12.38 -3.46
N THR A 793 -3.14 -13.06 -4.21
CA THR A 793 -2.28 -14.07 -3.62
C THR A 793 -1.16 -13.49 -2.76
N TRP A 794 -0.89 -12.19 -2.88
CA TRP A 794 0.18 -11.50 -2.16
C TRP A 794 1.54 -11.94 -2.69
N GLY A 795 1.92 -13.19 -2.45
CA GLY A 795 3.13 -13.75 -3.03
C GLY A 795 2.81 -14.88 -3.98
N SER A 796 3.70 -15.87 -4.08
CA SER A 796 3.41 -17.08 -4.82
C SER A 796 2.92 -18.14 -3.82
N ARG A 797 2.93 -19.41 -4.23
CA ARG A 797 2.21 -20.45 -3.49
C ARG A 797 2.68 -20.54 -2.05
N ASN A 798 4.00 -20.61 -1.84
CA ASN A 798 4.53 -20.77 -0.49
C ASN A 798 4.27 -19.54 0.39
N ASN A 799 3.99 -18.39 -0.22
CA ASN A 799 3.61 -17.20 0.54
C ASN A 799 2.10 -17.14 0.78
N ALA A 800 1.31 -17.42 -0.26
CA ALA A 800 -0.15 -17.35 -0.12
C ALA A 800 -0.68 -18.44 0.78
N ASP A 801 -0.19 -19.67 0.62
CA ASP A 801 -0.76 -20.81 1.32
C ASP A 801 0.00 -21.11 2.61
N GLY A 802 1.18 -21.71 2.49
CA GLY A 802 1.97 -22.00 3.68
C GLY A 802 2.32 -20.77 4.48
N GLY A 803 2.53 -19.63 3.81
CA GLY A 803 2.84 -18.40 4.49
C GLY A 803 1.66 -17.68 5.08
N GLY A 804 0.44 -18.03 4.64
CA GLY A 804 -0.77 -17.47 5.22
C GLY A 804 -1.22 -16.15 4.65
N LEU A 805 -0.60 -15.67 3.57
CA LEU A 805 -0.88 -14.34 3.05
C LEU A 805 -2.03 -14.30 2.05
N LYS A 806 -2.67 -15.44 1.76
CA LYS A 806 -3.71 -15.48 0.75
C LYS A 806 -4.82 -14.49 1.07
N ASP A 807 -5.14 -13.63 0.10
CA ASP A 807 -6.22 -12.66 0.21
C ASP A 807 -6.06 -11.75 1.43
N TYR A 808 -4.83 -11.53 1.89
CA TYR A 808 -4.64 -10.63 3.02
C TYR A 808 -5.15 -9.23 2.69
N SER A 809 -4.88 -8.76 1.48
CA SER A 809 -5.27 -7.43 1.04
C SER A 809 -6.51 -7.46 0.16
N ASN A 810 -7.46 -8.35 0.46
CA ASN A 810 -8.64 -8.47 -0.39
C ASN A 810 -9.44 -7.18 -0.38
N ARG A 811 -9.92 -6.79 -1.57
CA ARG A 811 -10.61 -5.54 -1.76
C ARG A 811 -12.00 -5.79 -2.33
N GLN A 812 -13.00 -5.09 -1.78
CA GLN A 812 -14.35 -5.13 -2.32
C GLN A 812 -14.39 -4.14 -3.49
N TRP A 813 -13.83 -4.58 -4.62
CA TRP A 813 -13.57 -3.73 -5.77
C TRP A 813 -14.29 -4.25 -7.00
N SER A 814 -14.73 -3.32 -7.84
CA SER A 814 -15.31 -3.68 -9.13
C SER A 814 -14.25 -4.32 -10.02
N GLY A 815 -14.70 -5.20 -10.90
CA GLY A 815 -13.79 -5.94 -11.76
C GLY A 815 -13.15 -7.12 -11.05
N LEU A 816 -12.49 -6.84 -9.93
CA LEU A 816 -11.94 -7.91 -9.10
C LEU A 816 -13.04 -8.81 -8.57
N THR A 817 -14.18 -8.23 -8.19
CA THR A 817 -15.29 -9.04 -7.68
C THR A 817 -15.86 -9.93 -8.78
N GLU A 818 -16.05 -9.37 -9.98
CA GLU A 818 -16.66 -10.13 -11.07
C GLU A 818 -15.75 -11.25 -11.55
N ASP A 819 -14.46 -10.97 -11.72
CA ASP A 819 -13.54 -11.89 -12.38
C ASP A 819 -12.77 -12.78 -11.42
N TYR A 820 -12.77 -12.49 -10.13
CA TYR A 820 -11.96 -13.24 -9.17
C TYR A 820 -12.82 -13.82 -8.06
N TYR A 821 -13.51 -12.97 -7.27
CA TYR A 821 -14.31 -13.48 -6.16
C TYR A 821 -15.52 -14.26 -6.66
N TYR A 822 -16.25 -13.71 -7.63
CA TYR A 822 -17.40 -14.42 -8.18
C TYR A 822 -16.97 -15.74 -8.82
N ALA A 823 -15.84 -15.74 -9.53
CA ALA A 823 -15.41 -16.94 -10.24
C ALA A 823 -15.08 -18.07 -9.27
N ARG A 824 -14.48 -17.74 -8.12
CA ARG A 824 -14.17 -18.77 -7.13
C ARG A 824 -15.43 -19.40 -6.56
N TRP A 825 -16.40 -18.56 -6.17
CA TRP A 825 -17.64 -19.09 -5.60
C TRP A 825 -18.43 -19.88 -6.63
N GLU A 826 -18.47 -19.41 -7.87
CA GLU A 826 -19.19 -20.12 -8.92
C GLU A 826 -18.61 -21.51 -9.14
N LYS A 827 -17.28 -21.61 -9.20
CA LYS A 827 -16.64 -22.91 -9.38
C LYS A 827 -16.96 -23.85 -8.22
N TRP A 828 -16.85 -23.35 -6.99
CA TRP A 828 -17.14 -24.16 -5.81
C TRP A 828 -18.60 -24.60 -5.80
N ILE A 829 -19.52 -23.69 -6.12
CA ILE A 829 -20.94 -24.02 -6.12
C ILE A 829 -21.26 -25.06 -7.19
N ASN A 830 -20.66 -24.93 -8.37
CA ASN A 830 -20.89 -25.90 -9.43
C ASN A 830 -20.41 -27.28 -9.03
N GLY A 831 -19.29 -27.36 -8.31
CA GLY A 831 -18.79 -28.64 -7.86
C GLY A 831 -19.71 -29.31 -6.85
N LEU A 832 -20.16 -28.54 -5.86
CA LEU A 832 -21.09 -29.08 -4.87
C LEU A 832 -22.41 -29.49 -5.50
N GLN A 833 -22.89 -28.71 -6.47
CA GLN A 833 -24.15 -29.03 -7.14
C GLN A 833 -24.05 -30.35 -7.89
N ALA A 834 -22.96 -30.54 -8.63
CA ALA A 834 -22.78 -31.79 -9.36
C ALA A 834 -22.76 -32.99 -8.42
N GLU A 835 -22.18 -32.82 -7.23
CA GLU A 835 -22.19 -33.91 -6.25
C GLU A 835 -23.59 -34.16 -5.71
N LEU A 836 -24.33 -33.10 -5.39
CA LEU A 836 -25.68 -33.28 -4.86
C LEU A 836 -26.63 -33.85 -5.90
N ASP A 837 -26.36 -33.60 -7.18
CA ASP A 837 -27.19 -34.11 -8.27
C ASP A 837 -26.86 -35.56 -8.65
N GLY A 838 -26.23 -36.31 -7.76
CA GLY A 838 -25.89 -37.69 -8.06
C GLY A 838 -24.62 -37.87 -8.87
N GLY A 839 -23.63 -37.00 -8.67
CA GLY A 839 -22.35 -37.13 -9.32
C GLY A 839 -21.26 -37.57 -8.35
N ALA A 840 -20.05 -37.65 -8.89
CA ALA A 840 -18.90 -37.99 -8.06
C ALA A 840 -18.65 -36.89 -7.03
N LYS A 841 -17.94 -37.26 -5.96
CA LYS A 841 -17.68 -36.33 -4.88
C LYS A 841 -16.97 -35.07 -5.40
N ALA A 842 -17.30 -33.93 -4.80
CA ALA A 842 -16.73 -32.66 -5.23
C ALA A 842 -15.21 -32.70 -5.09
N PRO A 843 -14.47 -32.44 -6.17
CA PRO A 843 -13.01 -32.52 -6.08
C PRO A 843 -12.43 -31.38 -5.24
N ASN A 844 -11.20 -31.60 -4.77
CA ASN A 844 -10.44 -30.52 -4.17
C ASN A 844 -10.04 -29.52 -5.25
N ILE A 845 -10.13 -28.24 -4.91
CA ILE A 845 -9.76 -27.17 -5.82
C ILE A 845 -8.46 -26.56 -5.34
N ASP A 846 -7.46 -26.53 -6.22
CA ASP A 846 -6.21 -25.83 -5.96
C ASP A 846 -6.47 -24.35 -6.18
N TRP A 847 -6.87 -23.67 -5.10
CA TRP A 847 -7.31 -22.28 -5.23
C TRP A 847 -6.19 -21.37 -5.72
N PHE A 848 -4.97 -21.59 -5.22
CA PHE A 848 -3.86 -20.72 -5.61
C PHE A 848 -3.62 -20.76 -7.12
N LYS A 849 -3.71 -21.95 -7.72
CA LYS A 849 -3.50 -22.08 -9.16
C LYS A 849 -4.49 -21.22 -9.93
N MET A 850 -5.76 -21.29 -9.55
CA MET A 850 -6.79 -20.47 -10.19
C MET A 850 -6.54 -18.99 -9.94
N GLU A 851 -6.15 -18.63 -8.72
CA GLU A 851 -5.92 -17.23 -8.37
C GLU A 851 -4.71 -16.67 -9.12
N TYR A 852 -3.61 -17.41 -9.13
CA TYR A 852 -2.40 -16.95 -9.81
C TYR A 852 -2.59 -16.83 -11.31
N ASP A 853 -3.56 -17.55 -11.89
CA ASP A 853 -3.88 -17.36 -13.30
C ASP A 853 -4.39 -15.95 -13.56
N TRP A 854 -5.23 -15.43 -12.65
CA TRP A 854 -5.68 -14.05 -12.80
C TRP A 854 -4.55 -13.07 -12.54
N VAL A 855 -3.66 -13.40 -11.59
CA VAL A 855 -2.57 -12.50 -11.22
C VAL A 855 -1.69 -12.18 -12.41
N ASN A 856 -1.43 -13.18 -13.26
CA ASN A 856 -0.44 -13.07 -14.31
C ASN A 856 -0.99 -12.54 -15.63
N LYS A 857 -2.28 -12.26 -15.72
CA LYS A 857 -2.83 -11.71 -16.95
C LYS A 857 -2.41 -10.25 -17.12
N LYS A 858 -2.30 -9.83 -18.38
CA LYS A 858 -1.81 -8.50 -18.72
C LYS A 858 -2.92 -7.69 -19.36
N SER A 859 -2.93 -6.38 -19.08
CA SER A 859 -4.02 -5.52 -19.53
C SER A 859 -4.01 -5.29 -21.03
N ASP A 860 -2.86 -5.43 -21.70
CA ASP A 860 -2.78 -5.15 -23.12
C ASP A 860 -2.98 -6.39 -23.99
N THR A 861 -3.11 -7.57 -23.40
CA THR A 861 -3.35 -8.80 -24.15
C THR A 861 -4.60 -9.54 -23.71
N ASP A 862 -4.93 -9.52 -22.43
CA ASP A 862 -6.09 -10.25 -21.94
C ASP A 862 -7.33 -9.35 -21.91
N LYS A 863 -7.53 -8.65 -20.79
CA LYS A 863 -8.70 -7.81 -20.60
C LYS A 863 -8.29 -6.51 -19.94
N LEU A 864 -8.67 -5.39 -20.53
CA LEU A 864 -8.37 -4.07 -19.97
C LEU A 864 -9.51 -3.64 -19.07
N TYR A 865 -9.23 -3.45 -17.79
CA TYR A 865 -10.27 -3.05 -16.86
C TYR A 865 -10.54 -1.55 -16.97
N PRO A 866 -11.79 -1.13 -16.83
CA PRO A 866 -12.13 0.28 -17.05
C PRO A 866 -11.60 1.17 -15.94
N THR A 867 -11.34 2.43 -16.31
CA THR A 867 -10.96 3.46 -15.36
C THR A 867 -12.08 4.44 -15.09
N GLU A 868 -13.28 4.21 -15.64
CA GLU A 868 -14.42 5.08 -15.47
C GLU A 868 -15.51 4.37 -14.71
N ALA A 869 -16.08 5.04 -13.72
CA ALA A 869 -17.17 4.46 -12.94
C ALA A 869 -18.47 4.47 -13.75
N SER A 870 -19.42 3.65 -13.31
CA SER A 870 -20.70 3.51 -13.99
C SER A 870 -21.68 4.59 -13.52
N ASN A 871 -22.86 4.59 -14.14
CA ASN A 871 -23.92 5.54 -13.81
C ASN A 871 -25.04 4.91 -13.00
N GLU A 872 -24.82 3.72 -12.44
CA GLU A 872 -25.89 3.02 -11.71
C GLU A 872 -26.43 3.89 -10.58
N ASN A 873 -27.73 3.76 -10.34
CA ASN A 873 -28.43 4.57 -9.35
C ASN A 873 -28.39 3.84 -8.01
N LEU A 874 -27.57 4.35 -7.08
CA LEU A 874 -27.40 3.68 -5.79
C LEU A 874 -28.72 3.58 -5.03
N GLY A 875 -29.57 4.61 -5.14
CA GLY A 875 -30.90 4.51 -4.55
C GLY A 875 -31.70 3.36 -5.13
N GLU A 876 -31.60 3.15 -6.44
CA GLU A 876 -32.31 2.06 -7.08
C GLU A 876 -31.66 0.71 -6.75
N LEU A 877 -30.33 0.68 -6.65
CA LEU A 877 -29.66 -0.54 -6.24
C LEU A 877 -29.98 -0.90 -4.80
N ALA A 878 -30.11 0.11 -3.94
CA ALA A 878 -30.50 -0.13 -2.55
C ALA A 878 -31.88 -0.76 -2.45
N LYS A 879 -32.82 -0.31 -3.29
CA LYS A 879 -34.16 -0.86 -3.29
C LYS A 879 -34.13 -2.35 -3.65
N ILE A 880 -33.36 -2.71 -4.68
CA ILE A 880 -33.22 -4.11 -5.05
C ILE A 880 -32.61 -4.92 -3.92
N ALA A 881 -31.57 -4.37 -3.27
CA ALA A 881 -30.91 -5.08 -2.18
C ALA A 881 -31.86 -5.35 -1.03
N MET A 882 -32.68 -4.34 -0.67
CA MET A 882 -33.61 -4.52 0.44
C MET A 882 -34.72 -5.50 0.08
N GLU A 883 -35.17 -5.49 -1.17
CA GLU A 883 -36.31 -6.31 -1.56
C GLU A 883 -35.92 -7.76 -1.80
N SER A 884 -34.73 -8.01 -2.36
CA SER A 884 -34.38 -9.33 -2.85
C SER A 884 -33.16 -9.97 -2.19
N TYR A 885 -32.29 -9.20 -1.54
CA TYR A 885 -31.03 -9.75 -1.04
C TYR A 885 -30.73 -9.24 0.36
N SER A 886 -31.76 -9.07 1.19
CA SER A 886 -31.59 -8.48 2.50
C SER A 886 -31.83 -9.51 3.60
N VAL A 887 -31.45 -9.15 4.82
CA VAL A 887 -31.67 -10.00 5.97
C VAL A 887 -33.09 -9.82 6.52
N THR A 888 -33.60 -8.59 6.47
CA THR A 888 -34.92 -8.30 7.01
C THR A 888 -36.00 -9.12 6.30
N ASN A 889 -35.94 -9.17 4.97
CA ASN A 889 -36.92 -9.89 4.17
C ASN A 889 -36.44 -11.27 3.75
N MET A 890 -35.46 -11.83 4.48
CA MET A 890 -34.80 -13.06 4.02
C MET A 890 -35.78 -14.24 4.00
N ASP A 891 -36.69 -14.30 4.96
CA ASP A 891 -37.61 -15.43 5.01
C ASP A 891 -38.62 -15.38 3.87
N LYS A 892 -39.02 -14.19 3.43
CA LYS A 892 -39.86 -14.07 2.25
C LYS A 892 -39.08 -14.40 0.98
N ILE A 893 -37.77 -14.18 0.98
CA ILE A 893 -36.93 -14.51 -0.16
C ILE A 893 -36.58 -15.99 -0.13
C1 EDO B . 1.81 -11.75 10.76
O1 EDO B . 1.09 -10.81 11.57
C2 EDO B . 1.66 -11.38 9.29
O2 EDO B . 2.08 -10.02 9.11
CA CA C . 17.78 -28.33 -24.22
S SO4 D . 13.48 -10.72 26.18
O1 SO4 D . 13.71 -12.14 26.44
O2 SO4 D . 14.69 -9.97 26.53
O3 SO4 D . 13.17 -10.53 24.77
O4 SO4 D . 12.36 -10.26 26.99
S SO4 E . -8.15 27.44 -12.67
O1 SO4 E . -7.64 26.88 -11.41
O2 SO4 E . -7.03 27.90 -13.49
O3 SO4 E . -8.89 26.41 -13.39
O4 SO4 E . -9.04 28.56 -12.37
S SO4 F . -8.27 22.91 25.26
O1 SO4 F . -9.06 21.77 25.74
O2 SO4 F . -7.03 22.42 24.64
O3 SO4 F . -9.04 23.67 24.28
O4 SO4 F . -7.92 23.77 26.39
S SO4 G . 23.68 -25.77 -10.88
O1 SO4 G . 24.70 -26.30 -11.77
O2 SO4 G . 23.99 -26.12 -9.50
O3 SO4 G . 23.63 -24.31 -11.01
O4 SO4 G . 22.38 -26.33 -11.25
S SO4 H . -35.51 18.31 8.50
O1 SO4 H . -35.06 16.96 8.82
O2 SO4 H . -34.38 19.24 8.56
O3 SO4 H . -36.09 18.32 7.17
O4 SO4 H . -36.52 18.72 9.48
S SO4 I . -16.36 37.94 -1.20
O1 SO4 I . -15.55 36.89 -1.81
O2 SO4 I . -17.17 37.36 -0.14
O3 SO4 I . -17.23 38.53 -2.21
O4 SO4 I . -15.50 38.97 -0.63
CAA Z8V J . 1.11 -9.07 5.86
CAG Z8V J . 1.61 -3.92 11.92
CAH Z8V J . -0.84 -7.70 10.11
CAK Z8V J . 1.06 -7.75 6.63
CAL Z8V J . 1.74 -5.22 11.13
CAM Z8V J . 0.53 -7.05 10.21
CAN Z8V J . 2.29 -4.84 9.80
CAO Z8V J . 2.38 -6.09 8.94
CAP Z8V J . 0.96 -6.67 8.80
NAI Z8V J . 1.00 -7.87 7.97
NAJ Z8V J . 0.42 -5.84 11.04
OAB Z8V J . 0.93 -6.68 6.04
OAC Z8V J . 0.73 -3.04 11.20
OAD Z8V J . -1.28 -8.08 11.42
OAE Z8V J . 3.60 -4.33 10.01
OAF Z8V J . 3.01 -5.79 7.67
C1 EDO K . -12.30 40.14 16.43
O1 EDO K . -13.49 40.89 16.15
C2 EDO K . -12.10 40.04 17.93
O2 EDO K . -13.15 39.27 18.50
#